data_7DE5
#
_entry.id   7DE5
#
_cell.length_a   53.910
_cell.length_b   78.980
_cell.length_c   67.820
_cell.angle_alpha   90.000
_cell.angle_beta   92.960
_cell.angle_gamma   90.000
#
_symmetry.space_group_name_H-M   'P 1 21 1'
#
loop_
_entity.id
_entity.type
_entity.pdbx_description
1 polymer Lactoperoxidase
2 branched alpha-D-mannopyranose-(1-3)-alpha-D-mannopyranose-(1-6)-[alpha-D-mannopyranose-(1-3)]beta-D-mannopyranose-(1-4)-2-acetamido-2-deoxy-beta-D-glucopyranose-(1-4)-2-acetamido-2-deoxy-beta-D-glucopyranose
3 branched 2-acetamido-2-deoxy-beta-D-glucopyranose-(1-4)-2-acetamido-2-deoxy-beta-D-glucopyranose
4 non-polymer 'PROTOPORPHYRIN IX CONTAINING FE'
5 non-polymer 2-acetamido-2-deoxy-beta-D-glucopyranose
6 non-polymer 'IODIDE ION'
7 non-polymer 'THIOCYANATE ION'
8 non-polymer 'CALCIUM ION'
9 non-polymer 1,2-ETHANEDIOL
10 water water
#
_entity_poly.entity_id   1
_entity_poly.type   'polypeptide(L)'
_entity_poly.pdbx_seq_one_letter_code
;SWEVGCGAPVPLVKCDENSPYRTITGDCNNRRSPALGAANRALARWLPAEYEDGLALPFGWTQRKTRNGFRVPLAREVSN
KIVGYLDEEGVLDQNRSLLFMQWGQIVDHDLDFAPETELGSNEHSKTQCEEYCIQGDNCFPIMFPKNDPKLKTQGKCMPF
FRAGFVCPTPPYQSLAREQINAVTSFLDASLVYGSEPSLASRLRNLSSPLGLMAVNQEAWDHGLAYLPFNNKKPSPCEFI
NTTARVPCFLAGDFRASEQILLATAHTLLLREHNRLARELKKLNPHWNGEKLYQEARKILGAFIQIITFRDYLPIVLGSE
MQKWIPPYQGYNNSVDPRISNVFTFAFRFGHMEVPSTVSRLDENYQPWGPEAELPLHTLFFNTWRIIKDGGIDPLVRGLL
AKKSKLMNQDKMVTSELRNKLFQPTHKIHGFDLAAINLQRCRDHGMPGYNSWRGFCGLSQPKTLKGLQTVLKNKILAKKL
MDLYKTPDNIDIWIGGNAEPMVERGRVGPLLACLLGRQFQQIRDGDRFWWENPGVFTEKQRDSLQKVSFSRLICDNTHIT
KVPLHAFQANNYPHDFVDCSTVDKLDLSPWASREN
;
_entity_poly.pdbx_strand_id   A
#
loop_
_chem_comp.id
_chem_comp.type
_chem_comp.name
_chem_comp.formula
BMA D-saccharide, beta linking beta-D-mannopyranose 'C6 H12 O6'
CA non-polymer 'CALCIUM ION' 'Ca 2'
EDO non-polymer 1,2-ETHANEDIOL 'C2 H6 O2'
HEM non-polymer 'PROTOPORPHYRIN IX CONTAINING FE' 'C34 H32 Fe N4 O4'
IOD non-polymer 'IODIDE ION' 'I -1'
MAN D-saccharide, alpha linking alpha-D-mannopyranose 'C6 H12 O6'
NAG D-saccharide, beta linking 2-acetamido-2-deoxy-beta-D-glucopyranose 'C8 H15 N O6'
SCN non-polymer 'THIOCYANATE ION' 'C N S -1'
#
# COMPACT_ATOMS: atom_id res chain seq x y z
N SER A 1 29.37 1.79 20.94
CA SER A 1 30.04 2.40 19.73
C SER A 1 29.02 3.10 18.81
N TRP A 2 27.72 2.95 19.07
CA TRP A 2 26.61 3.45 18.22
C TRP A 2 25.58 4.19 19.08
N GLU A 3 24.61 4.85 18.43
CA GLU A 3 23.50 5.59 19.08
C GLU A 3 22.23 4.71 18.98
N VAL A 4 22.38 3.41 19.28
CA VAL A 4 21.34 2.36 19.00
C VAL A 4 20.09 2.65 19.85
N GLY A 5 20.28 3.31 20.99
CA GLY A 5 19.23 3.58 21.97
C GLY A 5 18.01 4.26 21.36
N CYS A 6 18.20 5.28 20.51
CA CYS A 6 17.11 6.25 20.18
C CYS A 6 15.88 5.48 19.71
N GLY A 7 14.81 5.55 20.50
CA GLY A 7 13.43 5.10 20.17
C GLY A 7 12.41 5.84 21.01
N ALA A 8 12.62 7.14 21.17
CA ALA A 8 12.08 8.02 22.23
C ALA A 8 10.56 7.89 22.41
N PRO A 9 9.73 7.84 21.34
CA PRO A 9 8.31 7.51 21.52
C PRO A 9 8.17 6.23 22.37
N VAL A 10 8.99 5.21 22.08
CA VAL A 10 9.29 4.01 22.91
C VAL A 10 7.98 3.33 23.33
N PRO A 11 7.25 2.68 22.40
CA PRO A 11 6.13 1.81 22.79
C PRO A 11 6.66 0.52 23.46
N LEU A 12 7.50 0.69 24.49
CA LEU A 12 8.34 -0.38 25.11
C LEU A 12 7.45 -1.39 25.84
N VAL A 13 7.55 -2.67 25.44
CA VAL A 13 6.86 -3.82 26.08
C VAL A 13 7.89 -4.92 26.32
N LYS A 14 7.92 -5.48 27.53
CA LYS A 14 8.74 -6.67 27.82
C LYS A 14 8.07 -7.86 27.12
N CYS A 15 8.86 -8.89 26.80
CA CYS A 15 8.42 -10.05 25.99
C CYS A 15 8.32 -11.31 26.87
N ASP A 16 7.23 -12.04 26.69
CA ASP A 16 6.91 -13.28 27.43
C ASP A 16 7.40 -14.49 26.63
N GLU A 17 8.27 -15.31 27.25
CA GLU A 17 8.80 -16.55 26.63
C GLU A 17 7.61 -17.42 26.21
N ASN A 18 7.69 -18.03 25.02
CA ASN A 18 6.75 -19.07 24.55
C ASN A 18 5.33 -18.49 24.39
N SER A 19 5.17 -17.17 24.34
CA SER A 19 3.86 -16.56 23.99
C SER A 19 3.37 -17.12 22.64
N PRO A 20 2.10 -17.53 22.55
CA PRO A 20 1.61 -18.27 21.38
C PRO A 20 1.22 -17.46 20.13
N TYR A 21 1.00 -16.14 20.25
CA TYR A 21 0.52 -15.32 19.13
C TYR A 21 1.39 -14.08 18.94
N ARG A 22 1.30 -13.47 17.77
CA ARG A 22 1.91 -12.15 17.48
C ARG A 22 1.35 -11.12 18.44
N THR A 23 2.18 -10.16 18.81
CA THR A 23 1.72 -8.89 19.39
C THR A 23 1.06 -8.06 18.29
N ILE A 24 0.22 -7.11 18.67
CA ILE A 24 -0.43 -6.16 17.72
C ILE A 24 0.65 -5.21 17.20
N THR A 25 1.61 -4.82 18.04
CA THR A 25 2.63 -3.82 17.68
C THR A 25 3.75 -4.42 16.85
N GLY A 26 3.89 -5.75 16.84
CA GLY A 26 5.03 -6.40 16.19
C GLY A 26 6.25 -6.50 17.08
N ASP A 27 6.21 -5.92 18.28
CA ASP A 27 7.27 -6.20 19.29
C ASP A 27 7.35 -7.70 19.55
N CYS A 28 8.53 -8.16 19.94
CA CYS A 28 8.83 -9.52 20.48
C CYS A 28 8.95 -10.57 19.38
N ASN A 29 8.80 -10.20 18.11
CA ASN A 29 8.90 -11.16 16.98
C ASN A 29 10.34 -11.70 16.95
N ASN A 30 11.31 -10.79 16.93
CA ASN A 30 12.73 -11.14 17.01
C ASN A 30 13.15 -11.19 18.49
N ARG A 31 13.65 -12.32 18.98
CA ARG A 31 13.96 -12.47 20.42
C ARG A 31 15.18 -11.61 20.81
N ARG A 32 16.25 -11.62 20.01
CA ARG A 32 17.49 -10.86 20.33
C ARG A 32 17.23 -9.35 20.28
N SER A 33 16.42 -8.88 19.34
CA SER A 33 16.18 -7.42 19.10
C SER A 33 14.68 -7.19 19.00
N PRO A 34 13.97 -7.14 20.14
CA PRO A 34 12.51 -7.29 20.13
C PRO A 34 11.75 -6.16 19.44
N ALA A 35 12.33 -4.99 19.25
CA ALA A 35 11.66 -3.86 18.54
C ALA A 35 11.74 -4.07 17.02
N LEU A 36 12.51 -5.04 16.51
CA LEU A 36 12.72 -5.17 15.04
C LEU A 36 11.39 -5.47 14.37
N GLY A 37 10.94 -4.57 13.47
CA GLY A 37 9.71 -4.77 12.69
C GLY A 37 8.47 -4.28 13.43
N ALA A 38 8.63 -3.80 14.67
CA ALA A 38 7.53 -3.22 15.46
C ALA A 38 7.12 -1.89 14.79
N ALA A 39 5.87 -1.54 14.97
CA ALA A 39 5.31 -0.26 14.47
C ALA A 39 5.86 0.93 15.27
N ASN A 40 5.75 2.12 14.67
CA ASN A 40 6.02 3.43 15.30
C ASN A 40 7.51 3.54 15.62
N ARG A 41 8.34 2.92 14.79
CA ARG A 41 9.82 3.08 14.84
CA ARG A 41 9.82 3.08 14.84
C ARG A 41 10.34 3.54 13.48
N ALA A 42 11.61 3.88 13.42
CA ALA A 42 12.22 4.38 12.17
C ALA A 42 12.12 3.33 11.09
N LEU A 43 11.73 3.77 9.90
CA LEU A 43 11.99 2.98 8.66
C LEU A 43 13.49 2.64 8.64
N ALA A 44 13.83 1.44 8.17
CA ALA A 44 15.25 1.05 7.98
C ALA A 44 15.90 1.88 6.88
N ARG A 45 17.20 2.14 7.04
CA ARG A 45 18.03 2.77 5.98
C ARG A 45 18.99 1.71 5.42
N TRP A 46 18.70 1.19 4.24
CA TRP A 46 19.62 0.35 3.45
C TRP A 46 20.84 1.14 2.97
N LEU A 47 20.67 2.42 2.68
CA LEU A 47 21.76 3.39 2.39
C LEU A 47 21.53 4.63 3.24
N PRO A 48 22.60 5.39 3.56
CA PRO A 48 22.47 6.62 4.34
C PRO A 48 21.57 7.64 3.63
N ALA A 49 20.80 8.37 4.43
CA ALA A 49 19.93 9.46 3.93
C ALA A 49 20.76 10.48 3.16
N GLU A 50 20.18 11.06 2.11
CA GLU A 50 20.81 12.14 1.30
C GLU A 50 19.93 13.38 1.39
N TYR A 51 20.39 14.34 2.17
CA TYR A 51 19.73 15.63 2.41
C TYR A 51 20.67 16.75 1.97
N GLU A 52 20.13 17.92 1.62
CA GLU A 52 20.93 19.03 1.06
C GLU A 52 21.91 19.53 2.12
N ASP A 53 21.59 19.38 3.40
CA ASP A 53 22.43 19.85 4.54
C ASP A 53 23.01 18.65 5.30
N GLY A 54 22.94 17.46 4.70
CA GLY A 54 23.44 16.21 5.31
C GLY A 54 22.55 15.63 6.39
N LEU A 55 21.59 16.40 6.95
CA LEU A 55 20.88 16.01 8.21
C LEU A 55 19.37 15.88 8.01
N ALA A 56 18.71 16.85 7.36
CA ALA A 56 17.23 16.93 7.44
C ALA A 56 16.58 17.72 6.29
N LEU A 57 17.28 18.62 5.63
CA LEU A 57 16.65 19.45 4.55
C LEU A 57 16.63 18.71 3.22
N PRO A 58 15.47 18.66 2.53
CA PRO A 58 15.38 17.91 1.28
C PRO A 58 16.18 18.64 0.20
N PHE A 59 16.72 17.89 -0.74
CA PHE A 59 17.17 18.44 -2.03
C PHE A 59 15.98 19.20 -2.63
N GLY A 60 16.26 20.41 -3.11
CA GLY A 60 15.24 21.35 -3.66
C GLY A 60 14.75 22.37 -2.65
N TRP A 61 15.08 22.20 -1.36
CA TRP A 61 14.68 23.16 -0.29
C TRP A 61 15.23 24.55 -0.57
N THR A 62 16.53 24.63 -0.81
CA THR A 62 17.27 25.89 -1.06
C THR A 62 17.55 25.99 -2.55
N GLN A 63 16.98 27.01 -3.22
CA GLN A 63 17.00 27.15 -4.70
C GLN A 63 18.44 27.07 -5.23
N ARG A 64 19.37 27.75 -4.56
CA ARG A 64 20.78 27.85 -5.00
C ARG A 64 21.58 26.59 -4.62
N LYS A 65 21.04 25.64 -3.88
CA LYS A 65 21.82 24.44 -3.46
CA LYS A 65 21.81 24.44 -3.46
C LYS A 65 21.61 23.35 -4.51
N THR A 66 22.64 23.06 -5.29
CA THR A 66 22.53 22.06 -6.37
C THR A 66 22.63 20.66 -5.75
N ARG A 67 22.21 19.66 -6.52
CA ARG A 67 22.58 18.25 -6.32
C ARG A 67 23.58 17.90 -7.42
N ASN A 68 24.83 17.58 -7.07
CA ASN A 68 25.85 17.18 -8.07
C ASN A 68 25.96 18.27 -9.16
N GLY A 69 25.78 19.53 -8.80
CA GLY A 69 26.10 20.66 -9.70
C GLY A 69 24.93 21.10 -10.56
N PHE A 70 23.74 20.54 -10.35
CA PHE A 70 22.51 20.84 -11.13
C PHE A 70 21.36 21.05 -10.15
N ARG A 71 20.53 22.04 -10.43
CA ARG A 71 19.29 22.25 -9.65
C ARG A 71 18.37 21.04 -9.88
N VAL A 72 17.69 20.57 -8.83
CA VAL A 72 16.69 19.50 -8.97
C VAL A 72 15.43 20.13 -9.56
N PRO A 73 14.80 19.45 -10.54
CA PRO A 73 13.60 19.99 -11.16
C PRO A 73 12.39 19.98 -10.22
N LEU A 74 11.46 20.89 -10.44
CA LEU A 74 10.15 20.90 -9.71
C LEU A 74 9.43 19.56 -9.91
N ALA A 75 8.93 18.98 -8.82
CA ALA A 75 8.21 17.68 -8.88
C ALA A 75 7.05 17.76 -9.88
N ARG A 76 6.28 18.86 -9.84
CA ARG A 76 5.16 19.02 -10.77
C ARG A 76 5.62 19.15 -12.22
N GLU A 77 6.78 19.74 -12.48
CA GLU A 77 7.26 19.83 -13.89
C GLU A 77 7.62 18.44 -14.39
N VAL A 78 8.28 17.61 -13.58
CA VAL A 78 8.56 16.19 -13.96
C VAL A 78 7.21 15.50 -14.22
N SER A 79 6.24 15.68 -13.34
CA SER A 79 4.90 15.06 -13.48
C SER A 79 4.32 15.45 -14.86
N ASN A 80 4.34 16.73 -15.16
CA ASN A 80 3.68 17.24 -16.38
C ASN A 80 4.39 16.72 -17.62
N LYS A 81 5.71 16.79 -17.64
CA LYS A 81 6.48 16.49 -18.86
C LYS A 81 6.66 15.01 -19.08
N ILE A 82 6.65 14.21 -18.00
CA ILE A 82 7.06 12.77 -18.13
C ILE A 82 5.91 11.83 -17.81
N VAL A 83 5.16 12.12 -16.76
CA VAL A 83 4.27 11.16 -16.09
C VAL A 83 2.89 11.24 -16.73
N GLY A 84 2.54 12.36 -17.35
CA GLY A 84 1.13 12.60 -17.75
C GLY A 84 0.84 12.07 -19.14
N TYR A 85 -0.44 11.85 -19.43
CA TYR A 85 -0.95 11.48 -20.77
C TYR A 85 -2.45 11.79 -20.82
N LEU A 86 -3.01 11.89 -22.02
CA LEU A 86 -4.40 12.34 -22.23
C LEU A 86 -5.34 11.17 -22.53
N ASP A 87 -4.90 10.23 -23.35
CA ASP A 87 -5.74 9.20 -24.02
C ASP A 87 -5.65 7.88 -23.25
N GLU A 88 -6.75 7.47 -22.62
CA GLU A 88 -6.85 6.17 -21.89
C GLU A 88 -7.03 4.97 -22.84
N GLU A 89 -7.26 5.20 -24.13
CA GLU A 89 -7.47 4.08 -25.10
CA GLU A 89 -7.46 4.08 -25.09
C GLU A 89 -6.18 3.28 -25.19
N GLY A 90 -6.28 1.96 -25.02
CA GLY A 90 -5.17 1.04 -25.24
C GLY A 90 -4.26 0.91 -24.03
N VAL A 91 -4.60 1.54 -22.91
CA VAL A 91 -3.65 1.55 -21.76
C VAL A 91 -3.84 0.33 -20.82
N LEU A 92 -4.88 -0.48 -21.00
CA LEU A 92 -5.19 -1.54 -19.99
C LEU A 92 -4.24 -2.73 -20.16
N ASP A 93 -4.03 -3.42 -19.06
CA ASP A 93 -3.20 -4.65 -19.00
C ASP A 93 -4.03 -5.83 -19.49
N GLN A 94 -3.68 -6.39 -20.64
CA GLN A 94 -4.47 -7.49 -21.22
C GLN A 94 -4.34 -8.78 -20.40
N ASN A 95 -3.47 -8.84 -19.40
CA ASN A 95 -3.37 -10.10 -18.60
C ASN A 95 -3.33 -9.84 -17.10
N ARG A 96 -3.88 -8.73 -16.61
CA ARG A 96 -3.99 -8.52 -15.15
C ARG A 96 -5.36 -7.94 -14.88
N SER A 97 -6.12 -8.60 -14.01
CA SER A 97 -7.41 -8.08 -13.54
C SER A 97 -7.14 -6.85 -12.67
N LEU A 98 -8.17 -6.11 -12.39
CA LEU A 98 -8.08 -4.92 -11.50
CA LEU A 98 -8.05 -4.92 -11.51
C LEU A 98 -7.72 -5.35 -10.07
N LEU A 99 -8.06 -6.59 -9.69
CA LEU A 99 -7.66 -7.16 -8.38
C LEU A 99 -6.12 -7.16 -8.23
N PHE A 100 -5.36 -7.30 -9.32
CA PHE A 100 -3.87 -7.22 -9.28
C PHE A 100 -3.41 -5.89 -8.68
N MET A 101 -3.87 -4.76 -9.23
CA MET A 101 -3.63 -3.43 -8.64
C MET A 101 -4.08 -3.47 -7.17
N GLN A 102 -5.32 -3.88 -6.94
CA GLN A 102 -5.93 -3.63 -5.61
C GLN A 102 -5.19 -4.43 -4.53
N TRP A 103 -4.78 -5.66 -4.83
CA TRP A 103 -4.03 -6.50 -3.86
C TRP A 103 -2.70 -5.81 -3.51
N GLY A 104 -2.09 -5.16 -4.48
CA GLY A 104 -0.84 -4.45 -4.23
C GLY A 104 -1.04 -3.37 -3.18
N GLN A 105 -2.11 -2.59 -3.32
CA GLN A 105 -2.37 -1.49 -2.37
C GLN A 105 -2.62 -2.07 -0.98
N ILE A 106 -3.38 -3.16 -0.89
CA ILE A 106 -3.64 -3.88 0.38
C ILE A 106 -2.33 -4.32 1.04
N VAL A 107 -1.48 -5.01 0.29
CA VAL A 107 -0.18 -5.49 0.86
C VAL A 107 0.63 -4.26 1.32
N ASP A 108 0.69 -3.22 0.49
CA ASP A 108 1.42 -1.98 0.85
C ASP A 108 0.91 -1.45 2.18
N HIS A 109 -0.40 -1.44 2.38
CA HIS A 109 -0.99 -0.87 3.62
C HIS A 109 -0.69 -1.78 4.81
N ASP A 110 -0.49 -3.06 4.59
CA ASP A 110 -0.10 -3.98 5.71
C ASP A 110 1.33 -3.61 6.16
N LEU A 111 2.17 -3.15 5.24
CA LEU A 111 3.63 -3.09 5.47
C LEU A 111 4.13 -1.72 5.90
N ASP A 112 3.59 -0.62 5.37
CA ASP A 112 4.24 0.70 5.61
C ASP A 112 3.24 1.83 5.58
N PHE A 113 3.45 2.76 6.49
CA PHE A 113 2.75 4.05 6.54
C PHE A 113 3.67 5.06 7.22
N ALA A 114 4.09 6.07 6.48
CA ALA A 114 4.89 7.19 7.01
C ALA A 114 4.02 8.43 7.03
N PRO A 115 3.22 8.66 8.09
CA PRO A 115 2.27 9.77 8.04
C PRO A 115 2.94 11.14 8.21
N GLU A 116 2.26 12.18 7.72
CA GLU A 116 2.66 13.60 7.88
C GLU A 116 2.85 13.87 9.38
N THR A 117 3.85 14.69 9.70
CA THR A 117 4.08 15.26 11.06
C THR A 117 2.75 15.74 11.65
N GLU A 118 2.48 15.38 12.91
CA GLU A 118 1.37 15.92 13.71
C GLU A 118 1.59 17.44 13.89
N LEU A 119 2.78 17.85 14.35
CA LEU A 119 3.12 19.25 14.73
C LEU A 119 1.95 19.88 15.50
N GLY A 120 1.87 19.60 16.81
CA GLY A 120 0.83 20.14 17.72
C GLY A 120 -0.57 20.00 17.15
N SER A 121 -1.42 21.00 17.42
CA SER A 121 -2.85 21.06 16.99
C SER A 121 -3.40 22.47 17.18
N ASN A 122 -4.55 22.77 16.57
CA ASN A 122 -5.33 24.02 16.75
C ASN A 122 -4.40 25.23 16.57
N GLU A 123 -3.75 25.33 15.40
CA GLU A 123 -2.75 26.39 15.08
C GLU A 123 -2.97 26.89 13.65
N HIS A 124 -2.15 27.85 13.20
CA HIS A 124 -2.27 28.51 11.87
C HIS A 124 -1.17 28.02 10.91
N SER A 125 -0.67 26.79 11.10
CA SER A 125 0.46 26.23 10.32
C SER A 125 -0.06 25.61 9.00
N LYS A 126 -1.02 24.68 9.12
CA LYS A 126 -1.61 23.93 7.97
C LYS A 126 -2.33 24.91 7.03
N THR A 127 -3.16 25.80 7.60
CA THR A 127 -3.91 26.85 6.86
C THR A 127 -2.90 27.75 6.16
N GLN A 128 -1.90 28.24 6.90
CA GLN A 128 -0.79 29.09 6.37
C GLN A 128 -0.18 28.39 5.13
N CYS A 129 0.24 27.12 5.27
CA CYS A 129 0.88 26.35 4.17
C CYS A 129 -0.05 26.35 2.96
N GLU A 130 -1.33 26.02 3.17
CA GLU A 130 -2.32 25.87 2.06
C GLU A 130 -2.61 27.24 1.45
N GLU A 131 -2.68 28.30 2.25
CA GLU A 131 -3.17 29.64 1.82
C GLU A 131 -2.06 30.45 1.11
N TYR A 132 -0.86 30.50 1.68
CA TYR A 132 0.21 31.43 1.22
C TYR A 132 1.39 30.68 0.59
N CYS A 133 1.40 29.35 0.61
CA CYS A 133 2.38 28.56 -0.17
C CYS A 133 3.79 28.95 0.27
N ILE A 134 4.00 29.19 1.57
CA ILE A 134 5.31 29.64 2.09
C ILE A 134 6.05 28.45 2.69
N GLN A 135 7.17 28.11 2.10
CA GLN A 135 8.01 26.98 2.60
C GLN A 135 8.61 27.34 3.96
N GLY A 136 8.59 26.37 4.86
CA GLY A 136 8.98 26.61 6.26
C GLY A 136 8.63 25.44 7.14
N ASP A 137 9.57 25.18 8.04
CA ASP A 137 9.62 23.97 8.90
C ASP A 137 8.96 22.81 8.14
N ASN A 138 7.71 22.46 8.45
CA ASN A 138 7.14 21.21 7.89
C ASN A 138 6.37 21.50 6.61
N CYS A 139 6.21 22.76 6.24
CA CYS A 139 5.54 23.16 4.98
C CYS A 139 6.56 23.08 3.86
N PHE A 140 6.39 22.15 2.93
CA PHE A 140 7.33 21.94 1.82
C PHE A 140 6.50 21.94 0.55
N PRO A 141 5.94 23.11 0.17
CA PRO A 141 4.89 23.13 -0.83
C PRO A 141 5.41 22.68 -2.21
N ILE A 142 4.54 22.03 -2.98
CA ILE A 142 4.84 21.65 -4.38
C ILE A 142 4.50 22.86 -5.25
N MET A 143 5.51 23.61 -5.69
CA MET A 143 5.29 24.85 -6.46
C MET A 143 4.97 24.50 -7.92
N PHE A 144 4.04 25.24 -8.54
CA PHE A 144 3.71 25.03 -9.97
C PHE A 144 4.76 25.68 -10.86
N PRO A 145 5.23 24.98 -11.91
CA PRO A 145 6.05 25.63 -12.92
C PRO A 145 5.24 26.68 -13.71
N LYS A 146 5.94 27.63 -14.34
CA LYS A 146 5.30 28.77 -15.04
C LYS A 146 4.21 28.32 -16.01
N ASN A 147 4.40 27.25 -16.78
CA ASN A 147 3.44 26.84 -17.84
C ASN A 147 2.44 25.81 -17.32
N ASP A 148 2.29 25.67 -16.00
CA ASP A 148 1.31 24.71 -15.45
C ASP A 148 -0.09 25.31 -15.52
N PRO A 149 -1.08 24.64 -16.17
CA PRO A 149 -2.47 25.11 -16.08
C PRO A 149 -2.96 25.33 -14.64
N LYS A 150 -2.50 24.48 -13.70
CA LYS A 150 -2.92 24.62 -12.29
C LYS A 150 -2.44 25.96 -11.70
N LEU A 151 -1.33 26.53 -12.19
CA LEU A 151 -0.92 27.90 -11.80
C LEU A 151 -2.03 28.91 -12.15
N LYS A 152 -2.78 28.64 -13.21
CA LYS A 152 -3.86 29.56 -13.66
C LYS A 152 -5.15 29.35 -12.88
N THR A 153 -5.44 28.13 -12.45
CA THR A 153 -6.75 27.77 -11.84
C THR A 153 -6.67 27.47 -10.33
N GLN A 154 -5.49 27.23 -9.77
CA GLN A 154 -5.35 26.59 -8.42
C GLN A 154 -4.36 27.34 -7.53
N GLY A 155 -3.86 28.50 -7.93
CA GLY A 155 -2.95 29.26 -7.07
C GLY A 155 -1.53 28.86 -7.36
N LYS A 156 -0.62 29.08 -6.42
CA LYS A 156 0.83 28.98 -6.74
C LYS A 156 1.38 27.61 -6.38
N CYS A 157 0.62 26.81 -5.63
CA CYS A 157 1.17 25.52 -5.14
C CYS A 157 0.09 24.52 -4.78
N MET A 158 0.55 23.30 -4.63
CA MET A 158 -0.14 22.18 -3.94
CA MET A 158 -0.17 22.23 -3.92
C MET A 158 0.46 22.07 -2.54
N PRO A 159 -0.33 22.20 -1.46
CA PRO A 159 0.23 22.07 -0.12
C PRO A 159 0.81 20.66 0.03
N PHE A 160 1.91 20.58 0.76
CA PHE A 160 2.61 19.33 1.08
C PHE A 160 3.27 19.52 2.44
N PHE A 161 3.11 18.53 3.30
CA PHE A 161 3.61 18.57 4.69
CA PHE A 161 3.58 18.56 4.70
C PHE A 161 4.58 17.42 4.88
N ARG A 162 5.74 17.75 5.43
CA ARG A 162 6.82 16.75 5.59
C ARG A 162 6.39 15.60 6.50
N ALA A 163 6.90 14.43 6.22
CA ALA A 163 6.61 13.21 7.01
C ALA A 163 7.16 13.32 8.43
N GLY A 164 6.49 12.63 9.35
CA GLY A 164 6.92 12.47 10.76
C GLY A 164 8.26 11.76 10.87
N PHE A 165 9.02 12.07 11.91
CA PHE A 165 10.37 11.51 12.15
C PHE A 165 10.51 11.17 13.63
N VAL A 166 11.40 10.24 13.97
CA VAL A 166 11.14 9.34 15.14
C VAL A 166 11.26 10.05 16.50
N CYS A 167 12.46 10.49 16.90
CA CYS A 167 12.79 10.59 18.35
C CYS A 167 12.04 11.77 19.01
N PRO A 168 12.37 13.04 18.69
CA PRO A 168 11.37 14.09 18.74
C PRO A 168 10.68 14.22 17.37
N THR A 169 9.40 14.61 17.36
CA THR A 169 8.64 14.90 16.11
C THR A 169 8.64 16.41 15.81
N PRO A 170 8.50 17.34 16.79
CA PRO A 170 8.73 18.76 16.50
C PRO A 170 10.21 19.16 16.38
N PRO A 171 11.08 18.97 17.39
CA PRO A 171 12.49 19.33 17.27
C PRO A 171 13.31 18.31 16.48
N TYR A 172 14.61 18.57 16.32
CA TYR A 172 15.57 17.69 15.60
C TYR A 172 16.60 17.11 16.59
N GLN A 173 17.53 16.29 16.08
CA GLN A 173 18.62 15.62 16.85
C GLN A 173 19.94 15.65 16.05
N SER A 174 20.95 14.88 16.48
CA SER A 174 22.36 14.95 16.01
C SER A 174 22.62 14.05 14.79
N LEU A 175 21.86 12.95 14.67
CA LEU A 175 21.93 12.03 13.49
C LEU A 175 21.02 12.58 12.39
N ALA A 176 20.91 11.88 11.26
CA ALA A 176 20.06 12.25 10.12
C ALA A 176 18.58 11.99 10.44
N ARG A 177 17.69 12.70 9.76
CA ARG A 177 16.23 12.62 9.99
C ARG A 177 15.70 11.28 9.49
N GLU A 178 15.02 10.53 10.37
CA GLU A 178 14.58 9.15 10.04
C GLU A 178 13.05 9.11 10.13
N GLN A 179 12.39 8.90 9.01
CA GLN A 179 10.91 8.85 8.98
C GLN A 179 10.39 7.60 9.68
N ILE A 180 9.14 7.67 10.15
CA ILE A 180 8.49 6.62 10.99
C ILE A 180 7.74 5.66 10.08
N ASN A 181 7.76 4.37 10.40
CA ASN A 181 6.76 3.39 9.88
C ASN A 181 5.72 3.14 10.99
N ALA A 182 4.51 3.64 10.78
CA ALA A 182 3.41 3.58 11.78
C ALA A 182 2.70 2.22 11.81
N VAL A 183 3.03 1.30 10.89
CA VAL A 183 2.42 -0.05 10.93
C VAL A 183 3.50 -1.15 11.08
N THR A 184 3.06 -2.37 11.31
CA THR A 184 4.02 -3.47 11.56
C THR A 184 4.68 -3.88 10.23
N SER A 185 5.98 -4.09 10.26
CA SER A 185 6.78 -4.51 9.08
C SER A 185 6.36 -5.89 8.59
N PHE A 186 5.85 -6.74 9.49
CA PHE A 186 5.47 -8.12 9.19
C PHE A 186 4.23 -8.10 8.30
N LEU A 187 4.13 -9.06 7.38
CA LEU A 187 2.89 -9.27 6.60
C LEU A 187 1.94 -10.08 7.49
N ASP A 188 1.11 -9.38 8.26
CA ASP A 188 0.44 -9.95 9.46
C ASP A 188 -1.00 -9.49 9.58
N ALA A 189 -1.61 -8.94 8.52
CA ALA A 189 -3.00 -8.50 8.59
C ALA A 189 -3.14 -7.35 9.61
N SER A 190 -2.08 -6.57 9.82
CA SER A 190 -2.17 -5.32 10.62
C SER A 190 -3.17 -4.35 9.97
N LEU A 191 -3.43 -4.44 8.66
CA LEU A 191 -4.39 -3.49 8.03
C LEU A 191 -5.83 -3.84 8.43
N VAL A 192 -6.07 -5.05 8.95
CA VAL A 192 -7.38 -5.51 9.49
C VAL A 192 -7.45 -5.18 11.00
N TYR A 193 -6.40 -5.53 11.73
CA TYR A 193 -6.42 -5.61 13.22
C TYR A 193 -5.87 -4.36 13.87
N GLY A 194 -5.14 -3.50 13.16
CA GLY A 194 -4.43 -2.35 13.71
C GLY A 194 -3.02 -2.70 14.11
N SER A 195 -2.22 -1.68 14.35
CA SER A 195 -0.80 -1.81 14.76
C SER A 195 -0.58 -1.21 16.15
N GLU A 196 -1.65 -0.74 16.78
CA GLU A 196 -1.64 -0.05 18.10
C GLU A 196 -2.70 -0.73 18.96
N PRO A 197 -2.36 -1.02 20.23
CA PRO A 197 -3.32 -1.68 21.13
C PRO A 197 -4.69 -1.00 21.23
N SER A 198 -4.71 0.32 21.26
CA SER A 198 -5.99 1.08 21.40
C SER A 198 -6.89 0.83 20.19
N LEU A 199 -6.38 1.03 18.97
CA LEU A 199 -7.22 0.82 17.76
C LEU A 199 -7.60 -0.68 17.71
N ALA A 200 -6.70 -1.58 18.07
CA ALA A 200 -6.92 -3.04 17.93
C ALA A 200 -8.11 -3.42 18.82
N SER A 201 -8.19 -2.85 20.01
CA SER A 201 -9.31 -3.11 20.96
C SER A 201 -10.60 -2.48 20.42
N ARG A 202 -10.55 -1.25 19.94
CA ARG A 202 -11.68 -0.50 19.37
C ARG A 202 -12.31 -1.27 18.20
N LEU A 203 -11.51 -2.05 17.47
CA LEU A 203 -12.00 -2.74 16.25
C LEU A 203 -12.71 -4.04 16.65
N ARG A 204 -12.51 -4.52 17.87
CA ARG A 204 -13.04 -5.84 18.31
C ARG A 204 -14.45 -5.68 18.88
N ASN A 205 -15.19 -6.77 18.84
CA ASN A 205 -16.47 -6.93 19.57
C ASN A 205 -16.18 -7.64 20.89
N LEU A 206 -16.00 -6.86 21.95
CA LEU A 206 -15.67 -7.40 23.30
C LEU A 206 -16.92 -7.57 24.17
N SER A 207 -18.11 -7.33 23.62
CA SER A 207 -19.40 -7.45 24.33
C SER A 207 -19.76 -8.92 24.54
N SER A 208 -19.43 -9.76 23.55
CA SER A 208 -19.56 -11.24 23.53
C SER A 208 -18.17 -11.89 23.52
N PRO A 209 -17.94 -13.00 24.25
CA PRO A 209 -16.74 -13.84 24.06
C PRO A 209 -16.81 -14.72 22.81
N LEU A 210 -16.99 -14.11 21.63
CA LEU A 210 -17.12 -14.79 20.33
C LEU A 210 -15.92 -14.51 19.42
N GLY A 211 -15.05 -13.58 19.80
CA GLY A 211 -13.78 -13.32 19.08
C GLY A 211 -14.04 -12.52 17.82
N LEU A 212 -15.20 -11.87 17.73
CA LEU A 212 -15.62 -11.16 16.50
C LEU A 212 -14.95 -9.79 16.44
N MET A 213 -14.86 -9.25 15.22
CA MET A 213 -14.58 -7.83 14.98
C MET A 213 -15.90 -7.07 15.00
N ALA A 214 -15.86 -5.82 15.45
CA ALA A 214 -16.98 -4.87 15.42
C ALA A 214 -17.43 -4.72 13.97
N VAL A 215 -18.74 -4.63 13.76
CA VAL A 215 -19.35 -4.38 12.41
C VAL A 215 -20.30 -3.17 12.47
N ASN A 216 -20.63 -2.67 11.30
CA ASN A 216 -21.53 -1.50 11.14
C ASN A 216 -22.90 -1.87 11.74
N GLN A 217 -23.43 -1.00 12.59
CA GLN A 217 -24.76 -1.18 13.20
C GLN A 217 -25.81 -0.33 12.46
N GLU A 218 -25.43 0.44 11.45
CA GLU A 218 -26.36 1.34 10.71
C GLU A 218 -26.79 0.79 9.35
N ALA A 219 -25.97 -0.04 8.71
CA ALA A 219 -26.30 -0.59 7.39
C ALA A 219 -25.68 -1.97 7.25
N TRP A 220 -26.35 -2.81 6.47
CA TRP A 220 -25.94 -4.19 6.18
C TRP A 220 -26.01 -4.39 4.68
N ASP A 221 -25.23 -5.34 4.20
CA ASP A 221 -25.14 -5.65 2.75
C ASP A 221 -25.80 -7.01 2.52
N HIS A 222 -27.10 -7.01 2.30
CA HIS A 222 -27.86 -8.29 2.12
C HIS A 222 -27.44 -9.27 3.21
N GLY A 223 -27.37 -8.82 4.46
CA GLY A 223 -27.16 -9.69 5.61
C GLY A 223 -25.70 -9.80 5.98
N LEU A 224 -24.81 -9.23 5.16
CA LEU A 224 -23.34 -9.33 5.38
C LEU A 224 -22.82 -7.98 5.91
N ALA A 225 -21.76 -8.04 6.71
CA ALA A 225 -21.29 -6.89 7.52
C ALA A 225 -20.61 -5.85 6.62
N TYR A 226 -20.78 -4.60 7.00
CA TYR A 226 -19.89 -3.47 6.62
C TYR A 226 -18.96 -3.20 7.80
N LEU A 227 -17.84 -2.55 7.52
CA LEU A 227 -16.94 -2.10 8.58
C LEU A 227 -17.71 -1.06 9.38
N PRO A 228 -17.40 -0.89 10.68
CA PRO A 228 -17.95 0.24 11.41
C PRO A 228 -17.55 1.56 10.73
N PHE A 229 -18.33 2.60 10.99
CA PHE A 229 -17.99 3.98 10.62
C PHE A 229 -16.98 4.53 11.60
N ASN A 230 -16.10 5.36 11.07
CA ASN A 230 -15.30 6.30 11.88
C ASN A 230 -16.12 7.55 12.13
N ASN A 231 -16.54 7.78 13.36
CA ASN A 231 -17.45 8.92 13.70
C ASN A 231 -16.62 10.14 14.14
N LYS A 232 -15.31 10.15 13.87
CA LYS A 232 -14.45 11.36 14.01
C LYS A 232 -14.83 12.46 12.99
N LYS A 233 -14.81 13.71 13.41
CA LYS A 233 -15.15 14.88 12.54
C LYS A 233 -13.96 15.84 12.50
N PRO A 234 -13.69 16.49 11.36
CA PRO A 234 -14.46 16.28 10.13
C PRO A 234 -14.07 14.97 9.40
N SER A 235 -14.99 14.47 8.56
CA SER A 235 -14.85 13.22 7.78
C SER A 235 -14.70 13.58 6.32
N PRO A 236 -13.63 13.11 5.63
CA PRO A 236 -13.50 13.36 4.21
C PRO A 236 -14.56 12.63 3.38
N CYS A 237 -15.03 11.48 3.86
CA CYS A 237 -16.08 10.71 3.16
C CYS A 237 -17.41 11.47 3.25
N GLU A 238 -17.68 12.18 4.34
CA GLU A 238 -18.88 13.07 4.41
C GLU A 238 -18.63 14.28 3.53
N PHE A 239 -17.41 14.81 3.55
CA PHE A 239 -17.03 16.06 2.83
C PHE A 239 -17.37 15.94 1.34
N ILE A 240 -17.11 14.79 0.73
CA ILE A 240 -17.26 14.66 -0.74
C ILE A 240 -18.73 14.46 -1.13
N ASN A 241 -19.63 14.26 -0.17
CA ASN A 241 -21.08 14.28 -0.45
C ASN A 241 -21.83 14.62 0.85
N THR A 242 -22.12 15.89 1.09
CA THR A 242 -22.79 16.35 2.33
C THR A 242 -24.30 16.12 2.26
N THR A 243 -24.85 15.69 1.12
CA THR A 243 -26.26 15.24 1.05
C THR A 243 -26.35 13.81 1.60
N ALA A 244 -25.47 12.91 1.15
CA ALA A 244 -25.49 11.49 1.54
C ALA A 244 -25.04 11.33 3.00
N ARG A 245 -24.02 12.09 3.41
CA ARG A 245 -23.47 12.12 4.80
C ARG A 245 -23.10 10.73 5.25
N VAL A 246 -22.35 9.97 4.43
CA VAL A 246 -21.89 8.61 4.79
C VAL A 246 -20.42 8.70 5.20
N PRO A 247 -20.10 8.40 6.49
CA PRO A 247 -18.74 8.54 6.99
C PRO A 247 -17.80 7.49 6.36
N CYS A 248 -16.52 7.72 6.59
CA CYS A 248 -15.48 6.74 6.26
C CYS A 248 -15.66 5.51 7.15
N PHE A 249 -15.10 4.39 6.68
CA PHE A 249 -15.02 3.16 7.50
C PHE A 249 -13.87 3.25 8.52
N LEU A 250 -14.02 2.55 9.65
CA LEU A 250 -12.93 2.33 10.61
C LEU A 250 -12.33 0.95 10.35
N ALA A 251 -11.03 0.90 10.07
CA ALA A 251 -10.29 -0.36 9.85
C ALA A 251 -8.96 -0.35 10.61
N GLY A 252 -8.21 -1.44 10.49
CA GLY A 252 -6.88 -1.61 11.11
C GLY A 252 -5.89 -0.62 10.55
N ASP A 253 -6.15 -0.13 9.35
CA ASP A 253 -5.30 0.86 8.67
C ASP A 253 -6.11 2.14 8.44
N PHE A 254 -5.47 3.27 8.75
CA PHE A 254 -6.00 4.64 8.71
C PHE A 254 -6.60 4.96 7.33
N ARG A 255 -6.11 4.34 6.27
CA ARG A 255 -6.34 4.79 4.88
C ARG A 255 -7.42 3.98 4.15
N ALA A 256 -8.17 3.16 4.87
CA ALA A 256 -9.05 2.12 4.32
C ALA A 256 -10.08 2.70 3.34
N SER A 257 -10.49 3.96 3.49
CA SER A 257 -11.55 4.52 2.62
C SER A 257 -10.97 5.42 1.54
N GLU A 258 -9.66 5.44 1.36
CA GLU A 258 -9.04 6.37 0.37
C GLU A 258 -9.71 6.21 -1.00
N GLN A 259 -10.11 5.00 -1.38
CA GLN A 259 -10.83 4.80 -2.66
C GLN A 259 -11.69 3.54 -2.52
N ILE A 260 -12.80 3.53 -3.27
CA ILE A 260 -13.93 2.61 -3.02
C ILE A 260 -13.46 1.15 -3.07
N LEU A 261 -12.48 0.79 -3.91
CA LEU A 261 -12.12 -0.64 -4.07
C LEU A 261 -11.19 -1.10 -2.95
N LEU A 262 -10.42 -0.16 -2.34
CA LEU A 262 -9.65 -0.47 -1.10
C LEU A 262 -10.65 -0.76 0.04
N ALA A 263 -11.70 0.07 0.22
CA ALA A 263 -12.73 -0.16 1.24
C ALA A 263 -13.40 -1.51 0.99
N THR A 264 -13.66 -1.84 -0.29
CA THR A 264 -14.23 -3.14 -0.72
C THR A 264 -13.36 -4.30 -0.22
N ALA A 265 -12.06 -4.24 -0.48
CA ALA A 265 -11.12 -5.34 -0.12
C ALA A 265 -11.07 -5.47 1.41
N HIS A 266 -11.05 -4.34 2.11
CA HIS A 266 -11.10 -4.31 3.60
C HIS A 266 -12.36 -5.01 4.10
N THR A 267 -13.46 -4.84 3.40
CA THR A 267 -14.76 -5.40 3.83
C THR A 267 -14.70 -6.91 3.70
N LEU A 268 -14.14 -7.43 2.60
CA LEU A 268 -13.96 -8.89 2.42
C LEU A 268 -13.13 -9.46 3.58
N LEU A 269 -12.07 -8.76 3.97
CA LEU A 269 -11.14 -9.29 4.99
C LEU A 269 -11.83 -9.31 6.34
N LEU A 270 -12.54 -8.26 6.70
CA LEU A 270 -13.30 -8.21 7.97
C LEU A 270 -14.32 -9.37 8.01
N ARG A 271 -15.05 -9.55 6.92
CA ARG A 271 -16.08 -10.63 6.84
C ARG A 271 -15.40 -11.97 7.06
N GLU A 272 -14.22 -12.16 6.48
CA GLU A 272 -13.49 -13.44 6.56
C GLU A 272 -13.07 -13.70 8.01
N HIS A 273 -12.60 -12.68 8.75
CA HIS A 273 -12.30 -12.86 10.20
C HIS A 273 -13.55 -13.40 10.90
N ASN A 274 -14.70 -12.75 10.72
CA ASN A 274 -15.93 -13.09 11.49
C ASN A 274 -16.40 -14.49 11.06
N ARG A 275 -16.26 -14.83 9.78
CA ARG A 275 -16.63 -16.21 9.31
C ARG A 275 -15.75 -17.23 10.00
N LEU A 276 -14.43 -17.01 10.07
CA LEU A 276 -13.49 -17.93 10.74
C LEU A 276 -13.80 -18.04 12.24
N ALA A 277 -14.06 -16.92 12.91
CA ALA A 277 -14.35 -16.91 14.37
C ALA A 277 -15.61 -17.73 14.66
N ARG A 278 -16.68 -17.58 13.86
CA ARG A 278 -17.92 -18.38 13.97
C ARG A 278 -17.61 -19.87 13.77
N GLU A 279 -16.80 -20.20 12.76
CA GLU A 279 -16.56 -21.61 12.38
C GLU A 279 -15.67 -22.27 13.44
N LEU A 280 -14.72 -21.53 13.99
CA LEU A 280 -13.83 -22.04 15.06
C LEU A 280 -14.64 -22.25 16.34
N LYS A 281 -15.65 -21.42 16.59
CA LYS A 281 -16.49 -21.52 17.80
C LYS A 281 -17.30 -22.83 17.72
N LYS A 282 -17.86 -23.16 16.55
CA LYS A 282 -18.63 -24.42 16.32
C LYS A 282 -17.70 -25.63 16.48
N LEU A 283 -16.45 -25.52 16.05
CA LEU A 283 -15.48 -26.63 16.11
C LEU A 283 -14.98 -26.77 17.55
N ASN A 284 -14.76 -25.67 18.26
CA ASN A 284 -14.08 -25.64 19.58
C ASN A 284 -14.93 -24.84 20.56
N PRO A 285 -16.06 -25.40 21.06
CA PRO A 285 -16.99 -24.63 21.89
C PRO A 285 -16.41 -24.06 23.20
N HIS A 286 -15.32 -24.64 23.73
CA HIS A 286 -14.70 -24.21 25.01
C HIS A 286 -13.65 -23.12 24.79
N TRP A 287 -13.32 -22.81 23.54
CA TRP A 287 -12.37 -21.69 23.26
C TRP A 287 -13.03 -20.37 23.67
N ASN A 288 -12.31 -19.51 24.39
CA ASN A 288 -12.86 -18.20 24.86
C ASN A 288 -12.71 -17.16 23.73
N GLY A 289 -13.17 -15.92 23.99
CA GLY A 289 -13.23 -14.86 22.98
C GLY A 289 -11.84 -14.50 22.54
N GLU A 290 -10.87 -14.41 23.46
CA GLU A 290 -9.50 -14.01 23.12
C GLU A 290 -8.89 -15.05 22.16
N LYS A 291 -9.08 -16.33 22.50
CA LYS A 291 -8.53 -17.46 21.72
C LYS A 291 -9.15 -17.48 20.33
N LEU A 292 -10.46 -17.28 20.22
CA LEU A 292 -11.14 -17.30 18.91
C LEU A 292 -10.60 -16.16 18.05
N TYR A 293 -10.45 -15.00 18.65
CA TYR A 293 -9.96 -13.78 17.94
C TYR A 293 -8.55 -14.07 17.41
N GLN A 294 -7.67 -14.56 18.30
CA GLN A 294 -6.26 -14.80 17.94
C GLN A 294 -6.15 -15.87 16.85
N GLU A 295 -6.91 -16.95 16.96
CA GLU A 295 -6.80 -18.07 15.98
C GLU A 295 -7.33 -17.64 14.62
N ALA A 296 -8.41 -16.87 14.57
CA ALA A 296 -8.95 -16.33 13.30
C ALA A 296 -7.97 -15.29 12.73
N ARG A 297 -7.36 -14.48 13.59
CA ARG A 297 -6.35 -13.48 13.17
C ARG A 297 -5.15 -14.21 12.57
N LYS A 298 -4.74 -15.33 13.15
CA LYS A 298 -3.55 -16.08 12.70
C LYS A 298 -3.86 -16.68 11.31
N ILE A 299 -5.08 -17.18 11.10
CA ILE A 299 -5.46 -17.80 9.80
C ILE A 299 -5.51 -16.68 8.75
N LEU A 300 -6.04 -15.52 9.12
CA LEU A 300 -6.23 -14.42 8.13
C LEU A 300 -4.84 -13.88 7.75
N GLY A 301 -3.93 -13.78 8.70
CA GLY A 301 -2.53 -13.43 8.42
C GLY A 301 -1.90 -14.40 7.44
N ALA A 302 -2.08 -15.71 7.68
CA ALA A 302 -1.55 -16.75 6.77
C ALA A 302 -2.17 -16.61 5.37
N PHE A 303 -3.48 -16.40 5.27
CA PHE A 303 -4.16 -16.15 3.97
C PHE A 303 -3.42 -15.03 3.24
N ILE A 304 -3.25 -13.89 3.90
CA ILE A 304 -2.62 -12.72 3.24
C ILE A 304 -1.22 -13.11 2.80
N GLN A 305 -0.45 -13.81 3.65
CA GLN A 305 0.94 -14.22 3.29
C GLN A 305 0.90 -15.09 2.04
N ILE A 306 0.02 -16.07 2.00
CA ILE A 306 0.03 -17.09 0.90
C ILE A 306 -0.43 -16.43 -0.40
N ILE A 307 -1.54 -15.70 -0.41
CA ILE A 307 -1.97 -14.98 -1.64
C ILE A 307 -0.78 -14.14 -2.14
N THR A 308 -0.11 -13.44 -1.24
CA THR A 308 0.95 -12.49 -1.62
C THR A 308 2.12 -13.25 -2.23
N PHE A 309 2.67 -14.24 -1.52
CA PHE A 309 3.94 -14.88 -1.96
C PHE A 309 3.69 -15.92 -3.05
N ARG A 310 2.56 -16.62 -3.02
CA ARG A 310 2.27 -17.68 -4.02
C ARG A 310 1.68 -17.08 -5.31
N ASP A 311 0.73 -16.16 -5.19
CA ASP A 311 -0.06 -15.67 -6.36
C ASP A 311 0.42 -14.29 -6.87
N TYR A 312 0.73 -13.34 -5.99
CA TYR A 312 0.97 -11.94 -6.38
C TYR A 312 2.43 -11.72 -6.83
N LEU A 313 3.40 -12.02 -5.98
CA LEU A 313 4.81 -11.65 -6.23
C LEU A 313 5.32 -12.32 -7.52
N PRO A 314 4.98 -13.58 -7.83
CA PRO A 314 5.48 -14.17 -9.08
C PRO A 314 5.07 -13.41 -10.33
N ILE A 315 3.90 -12.78 -10.33
CA ILE A 315 3.43 -12.04 -11.53
C ILE A 315 3.81 -10.56 -11.43
N VAL A 316 4.40 -10.10 -10.31
CA VAL A 316 5.07 -8.77 -10.25
C VAL A 316 6.51 -8.97 -10.72
N LEU A 317 7.22 -9.94 -10.12
CA LEU A 317 8.69 -10.09 -10.26
CA LEU A 317 8.68 -10.06 -10.29
C LEU A 317 9.04 -10.93 -11.48
N GLY A 318 8.11 -11.70 -12.03
CA GLY A 318 8.42 -12.53 -13.22
C GLY A 318 9.73 -13.32 -13.06
N SER A 319 10.64 -13.19 -14.01
CA SER A 319 11.94 -13.93 -14.08
C SER A 319 12.85 -13.67 -12.86
N GLU A 320 12.61 -12.61 -12.10
CA GLU A 320 13.51 -12.18 -11.01
C GLU A 320 13.04 -12.81 -9.71
N MET A 321 11.90 -13.48 -9.72
CA MET A 321 11.30 -14.07 -8.49
C MET A 321 12.33 -15.05 -7.89
N GLN A 322 12.86 -15.97 -8.69
CA GLN A 322 13.77 -17.01 -8.13
C GLN A 322 15.10 -16.38 -7.71
N LYS A 323 15.50 -15.28 -8.34
CA LYS A 323 16.76 -14.56 -7.96
C LYS A 323 16.65 -14.00 -6.54
N TRP A 324 15.56 -13.28 -6.23
CA TRP A 324 15.46 -12.45 -5.00
C TRP A 324 14.69 -13.18 -3.91
N ILE A 325 13.79 -14.09 -4.26
CA ILE A 325 12.89 -14.79 -3.30
C ILE A 325 12.94 -16.28 -3.60
N PRO A 326 14.04 -16.96 -3.20
CA PRO A 326 14.10 -18.41 -3.39
C PRO A 326 13.10 -19.11 -2.47
N PRO A 327 12.79 -20.38 -2.79
CA PRO A 327 11.89 -21.18 -1.97
C PRO A 327 12.29 -21.09 -0.48
N TYR A 328 11.27 -21.06 0.39
CA TYR A 328 11.44 -20.81 1.85
C TYR A 328 12.26 -21.94 2.45
N GLN A 329 13.22 -21.59 3.29
CA GLN A 329 14.14 -22.55 3.96
C GLN A 329 13.99 -22.46 5.49
N GLY A 330 13.14 -21.58 6.01
CA GLY A 330 12.98 -21.45 7.46
C GLY A 330 13.25 -20.07 7.98
N TYR A 331 12.90 -19.85 9.23
CA TYR A 331 13.05 -18.56 9.92
C TYR A 331 14.54 -18.34 10.15
N ASN A 332 15.01 -17.15 9.81
CA ASN A 332 16.40 -16.70 10.02
C ASN A 332 16.41 -15.47 10.92
N ASN A 333 16.78 -15.62 12.20
CA ASN A 333 16.63 -14.54 13.21
C ASN A 333 17.73 -13.50 13.02
N SER A 334 18.62 -13.67 12.04
CA SER A 334 19.66 -12.66 11.68
C SER A 334 19.19 -11.71 10.58
N VAL A 335 18.05 -12.01 9.94
CA VAL A 335 17.45 -11.16 8.86
C VAL A 335 16.78 -9.96 9.53
N ASP A 336 16.99 -8.76 8.98
CA ASP A 336 16.30 -7.52 9.39
C ASP A 336 14.92 -7.49 8.75
N PRO A 337 13.81 -7.65 9.51
CA PRO A 337 12.49 -7.64 8.89
C PRO A 337 11.88 -6.25 8.67
N ARG A 338 12.60 -5.21 9.07
CA ARG A 338 12.05 -3.83 9.01
C ARG A 338 11.88 -3.41 7.55
N ILE A 339 10.77 -2.75 7.26
CA ILE A 339 10.56 -2.13 5.94
C ILE A 339 11.57 -1.01 5.81
N SER A 340 12.26 -0.98 4.68
CA SER A 340 13.19 0.12 4.33
C SER A 340 12.46 1.36 3.83
N ASN A 341 13.11 2.49 3.96
CA ASN A 341 12.58 3.79 3.48
C ASN A 341 12.38 3.71 1.97
N VAL A 342 13.34 3.13 1.24
CA VAL A 342 13.26 3.08 -0.26
C VAL A 342 12.10 2.18 -0.70
N PHE A 343 11.83 1.10 0.04
CA PHE A 343 10.74 0.16 -0.32
C PHE A 343 9.42 0.94 -0.39
N THR A 344 9.26 1.94 0.47
CA THR A 344 7.98 2.67 0.57
C THR A 344 7.78 3.50 -0.71
N PHE A 345 8.84 3.70 -1.49
CA PHE A 345 8.76 4.36 -2.83
C PHE A 345 8.72 3.29 -3.92
N ALA A 346 9.52 2.25 -3.79
CA ALA A 346 9.55 1.15 -4.79
C ALA A 346 8.12 0.61 -4.98
N PHE A 347 7.36 0.47 -3.90
CA PHE A 347 6.05 -0.23 -3.95
C PHE A 347 5.00 0.70 -4.59
N ARG A 348 5.34 1.99 -4.76
CA ARG A 348 4.45 2.95 -5.44
C ARG A 348 4.48 2.70 -6.97
N PHE A 349 5.11 1.62 -7.46
CA PHE A 349 4.93 1.19 -8.87
C PHE A 349 3.44 1.01 -9.12
N GLY A 350 2.69 0.64 -8.07
CA GLY A 350 1.24 0.43 -8.19
C GLY A 350 0.53 1.63 -8.76
N HIS A 351 1.04 2.84 -8.54
CA HIS A 351 0.35 4.09 -9.02
C HIS A 351 0.20 4.06 -10.54
N MET A 352 1.09 3.34 -11.22
CA MET A 352 1.04 3.27 -12.71
CA MET A 352 1.06 3.26 -12.71
C MET A 352 0.14 2.13 -13.19
N GLU A 353 -0.49 1.38 -12.27
CA GLU A 353 -1.39 0.26 -12.62
C GLU A 353 -2.84 0.65 -12.33
N VAL A 354 -3.08 1.89 -11.89
CA VAL A 354 -4.46 2.32 -11.50
C VAL A 354 -5.12 2.89 -12.75
N PRO A 355 -6.24 2.31 -13.23
CA PRO A 355 -6.90 2.78 -14.43
C PRO A 355 -7.82 3.96 -14.09
N SER A 356 -8.39 4.58 -15.11
CA SER A 356 -9.14 5.85 -15.00
C SER A 356 -10.57 5.66 -14.50
N THR A 357 -11.10 4.42 -14.51
CA THR A 357 -12.53 4.21 -14.20
C THR A 357 -12.70 2.99 -13.31
N VAL A 358 -13.83 2.94 -12.60
CA VAL A 358 -14.26 1.77 -11.80
C VAL A 358 -15.67 1.38 -12.28
N SER A 359 -15.92 0.09 -12.50
CA SER A 359 -17.25 -0.41 -12.96
C SER A 359 -17.93 -1.20 -11.84
N ARG A 360 -19.25 -1.10 -11.81
CA ARG A 360 -20.12 -1.98 -11.01
C ARG A 360 -20.83 -2.93 -11.97
N LEU A 361 -20.82 -4.24 -11.68
CA LEU A 361 -21.48 -5.24 -12.56
C LEU A 361 -22.52 -6.03 -11.76
N ASP A 362 -23.60 -6.39 -12.43
CA ASP A 362 -24.72 -7.12 -11.80
C ASP A 362 -24.45 -8.62 -11.82
N GLU A 363 -25.47 -9.36 -11.35
CA GLU A 363 -25.41 -10.81 -11.08
C GLU A 363 -25.16 -11.58 -12.38
N ASN A 364 -25.24 -10.91 -13.55
CA ASN A 364 -24.91 -11.46 -14.90
C ASN A 364 -23.63 -10.85 -15.47
N TYR A 365 -22.90 -10.08 -14.66
CA TYR A 365 -21.60 -9.45 -15.05
C TYR A 365 -21.85 -8.48 -16.19
N GLN A 366 -23.06 -7.92 -16.19
CA GLN A 366 -23.51 -6.84 -17.09
C GLN A 366 -23.43 -5.53 -16.31
N PRO A 367 -23.45 -4.36 -16.99
CA PRO A 367 -23.37 -3.08 -16.31
C PRO A 367 -24.50 -2.92 -15.30
N TRP A 368 -24.09 -2.54 -14.09
CA TRP A 368 -25.01 -2.22 -12.96
CA TRP A 368 -25.00 -2.21 -12.96
C TRP A 368 -25.58 -0.79 -13.10
N GLY A 369 -26.84 -0.68 -13.56
CA GLY A 369 -27.53 0.62 -13.63
C GLY A 369 -27.02 1.51 -14.75
N PRO A 370 -27.51 2.76 -14.82
CA PRO A 370 -27.20 3.67 -15.93
C PRO A 370 -25.83 4.36 -15.82
N GLU A 371 -25.19 4.34 -14.64
CA GLU A 371 -23.81 4.85 -14.47
C GLU A 371 -22.94 3.74 -13.88
N ALA A 372 -22.92 2.58 -14.53
CA ALA A 372 -22.16 1.40 -14.06
C ALA A 372 -20.71 1.80 -13.92
N GLU A 373 -20.21 2.52 -14.93
CA GLU A 373 -18.79 2.94 -15.01
C GLU A 373 -18.67 4.39 -14.54
N LEU A 374 -17.72 4.64 -13.65
CA LEU A 374 -17.53 5.97 -13.03
C LEU A 374 -16.05 6.35 -13.06
N PRO A 375 -15.77 7.67 -13.15
CA PRO A 375 -14.40 8.15 -13.07
C PRO A 375 -13.83 7.85 -11.68
N LEU A 376 -12.57 7.41 -11.65
CA LEU A 376 -11.91 7.07 -10.37
C LEU A 376 -11.96 8.27 -9.42
N HIS A 377 -11.76 9.50 -9.91
CA HIS A 377 -11.60 10.65 -8.99
C HIS A 377 -12.90 10.88 -8.22
N THR A 378 -14.05 10.43 -8.71
CA THR A 378 -15.32 10.63 -7.97
C THR A 378 -15.45 9.60 -6.85
N LEU A 379 -14.51 8.67 -6.75
CA LEU A 379 -14.56 7.52 -5.82
C LEU A 379 -13.48 7.63 -4.75
N PHE A 380 -12.73 8.73 -4.70
CA PHE A 380 -11.82 8.97 -3.57
C PHE A 380 -12.68 9.24 -2.33
N PHE A 381 -12.39 8.56 -1.22
CA PHE A 381 -13.09 8.72 0.06
C PHE A 381 -14.59 8.56 -0.12
N ASN A 382 -14.99 7.69 -1.04
CA ASN A 382 -16.40 7.49 -1.41
C ASN A 382 -16.87 6.20 -0.76
N THR A 383 -17.64 6.34 0.31
CA THR A 383 -18.31 5.18 0.95
C THR A 383 -19.82 5.17 0.64
N TRP A 384 -20.41 6.30 0.27
CA TRP A 384 -21.87 6.34 0.01
C TRP A 384 -22.20 5.48 -1.21
N ARG A 385 -21.30 5.39 -2.18
CA ARG A 385 -21.54 4.62 -3.43
C ARG A 385 -21.60 3.12 -3.07
N ILE A 386 -20.98 2.70 -1.95
CA ILE A 386 -21.13 1.30 -1.50
C ILE A 386 -22.51 1.13 -0.85
N ILE A 387 -22.78 1.90 0.19
CA ILE A 387 -24.00 1.74 1.05
C ILE A 387 -25.24 1.93 0.18
N LYS A 388 -25.26 2.98 -0.63
CA LYS A 388 -26.50 3.44 -1.30
C LYS A 388 -26.54 3.01 -2.75
N ASP A 389 -25.55 2.28 -3.27
CA ASP A 389 -25.57 1.91 -4.71
C ASP A 389 -25.08 0.47 -4.94
N GLY A 390 -25.57 -0.47 -4.12
CA GLY A 390 -25.53 -1.91 -4.44
C GLY A 390 -24.64 -2.73 -3.52
N GLY A 391 -23.99 -2.11 -2.53
CA GLY A 391 -23.11 -2.84 -1.61
C GLY A 391 -21.83 -3.20 -2.33
N ILE A 392 -21.09 -4.20 -1.88
CA ILE A 392 -19.74 -4.46 -2.48
C ILE A 392 -19.80 -5.47 -3.64
N ASP A 393 -20.86 -6.30 -3.76
CA ASP A 393 -20.83 -7.35 -4.82
C ASP A 393 -20.59 -6.77 -6.21
N PRO A 394 -21.31 -5.70 -6.66
CA PRO A 394 -21.06 -5.17 -8.00
C PRO A 394 -19.62 -4.66 -8.21
N LEU A 395 -18.99 -4.19 -7.14
CA LEU A 395 -17.58 -3.67 -7.17
C LEU A 395 -16.62 -4.84 -7.25
N VAL A 396 -16.89 -5.92 -6.51
CA VAL A 396 -16.06 -7.15 -6.55
C VAL A 396 -16.16 -7.78 -7.94
N ARG A 397 -17.35 -7.82 -8.52
CA ARG A 397 -17.49 -8.33 -9.93
C ARG A 397 -16.62 -7.52 -10.89
N GLY A 398 -16.60 -6.20 -10.75
CA GLY A 398 -15.71 -5.33 -11.54
C GLY A 398 -14.25 -5.63 -11.24
N LEU A 399 -13.92 -5.92 -9.98
CA LEU A 399 -12.49 -6.24 -9.67
C LEU A 399 -12.07 -7.49 -10.46
N LEU A 400 -12.97 -8.47 -10.62
CA LEU A 400 -12.65 -9.73 -11.34
C LEU A 400 -12.68 -9.57 -12.87
N ALA A 401 -13.63 -8.83 -13.40
CA ALA A 401 -13.94 -8.84 -14.84
C ALA A 401 -13.26 -7.69 -15.58
N LYS A 402 -12.78 -6.67 -14.86
CA LYS A 402 -12.11 -5.49 -15.46
C LYS A 402 -10.59 -5.63 -15.23
N LYS A 403 -9.83 -4.79 -15.92
CA LYS A 403 -8.37 -4.95 -15.97
C LYS A 403 -7.68 -3.83 -15.19
N SER A 404 -6.50 -4.13 -14.66
CA SER A 404 -5.50 -3.13 -14.22
C SER A 404 -5.05 -2.29 -15.43
N LYS A 405 -4.56 -1.10 -15.15
CA LYS A 405 -3.78 -0.33 -16.15
C LYS A 405 -2.40 -0.97 -16.27
N LEU A 406 -1.90 -1.05 -17.50
CA LEU A 406 -0.51 -1.45 -17.78
C LEU A 406 0.43 -0.23 -17.73
N MET A 407 1.52 -0.36 -16.97
CA MET A 407 2.60 0.65 -16.98
CA MET A 407 2.56 0.69 -16.99
C MET A 407 3.04 0.85 -18.42
N ASN A 408 3.25 2.11 -18.81
CA ASN A 408 3.60 2.52 -20.20
C ASN A 408 4.54 3.70 -20.10
N GLN A 409 5.69 3.65 -20.76
CA GLN A 409 6.69 4.74 -20.67
C GLN A 409 6.10 6.05 -21.19
N ASP A 410 5.08 6.00 -22.05
CA ASP A 410 4.43 7.20 -22.64
C ASP A 410 3.10 7.51 -21.95
N LYS A 411 2.62 6.63 -21.06
CA LYS A 411 1.34 6.79 -20.32
C LYS A 411 1.53 6.22 -18.91
N MET A 412 2.12 6.99 -18.03
CA MET A 412 2.56 6.47 -16.71
C MET A 412 1.43 6.51 -15.69
N VAL A 413 0.92 7.69 -15.34
CA VAL A 413 -0.09 7.83 -14.26
C VAL A 413 -1.34 8.54 -14.80
N THR A 414 -2.50 7.91 -14.63
CA THR A 414 -3.78 8.47 -15.12
C THR A 414 -4.01 9.87 -14.51
N SER A 415 -4.58 10.79 -15.29
CA SER A 415 -5.00 12.13 -14.77
C SER A 415 -5.96 12.04 -13.58
N GLU A 416 -6.66 10.91 -13.36
CA GLU A 416 -7.54 10.78 -12.18
C GLU A 416 -6.71 10.92 -10.90
N LEU A 417 -5.45 10.49 -10.94
CA LEU A 417 -4.53 10.59 -9.76
C LEU A 417 -3.57 11.76 -9.95
N ARG A 418 -3.25 12.11 -11.18
CA ARG A 418 -2.14 13.05 -11.47
C ARG A 418 -2.65 14.48 -11.40
N ASN A 419 -3.94 14.70 -11.66
CA ASN A 419 -4.53 16.06 -11.64
C ASN A 419 -5.73 16.16 -10.73
N LYS A 420 -6.39 15.05 -10.40
CA LYS A 420 -7.70 15.10 -9.69
C LYS A 420 -7.68 14.39 -8.32
N LEU A 421 -6.51 14.13 -7.77
CA LEU A 421 -6.43 13.53 -6.40
C LEU A 421 -7.09 14.46 -5.35
N PHE A 422 -7.92 13.88 -4.49
CA PHE A 422 -8.46 14.54 -3.29
C PHE A 422 -7.63 14.12 -2.09
N GLN A 423 -7.25 15.10 -1.28
CA GLN A 423 -6.54 14.93 0.00
C GLN A 423 -7.43 15.45 1.13
N PRO A 424 -7.62 14.72 2.24
CA PRO A 424 -8.40 15.25 3.36
C PRO A 424 -7.90 16.61 3.88
N THR A 425 -8.86 17.52 4.13
CA THR A 425 -8.70 18.92 4.66
C THR A 425 -8.40 19.92 3.56
N HIS A 426 -8.17 19.48 2.31
CA HIS A 426 -7.70 20.38 1.21
C HIS A 426 -8.79 20.64 0.17
N LYS A 427 -9.99 20.09 0.37
CA LYS A 427 -11.26 20.58 -0.24
C LYS A 427 -11.39 20.26 -1.74
N ILE A 428 -10.32 20.16 -2.52
CA ILE A 428 -10.45 20.10 -4.01
C ILE A 428 -9.98 18.75 -4.54
N HIS A 429 -10.53 18.35 -5.69
CA HIS A 429 -10.06 17.17 -6.46
C HIS A 429 -9.00 17.70 -7.44
N GLY A 430 -7.85 18.11 -6.92
CA GLY A 430 -6.89 18.89 -7.71
C GLY A 430 -5.44 18.57 -7.42
N PHE A 431 -5.16 17.47 -6.71
CA PHE A 431 -3.79 17.11 -6.31
C PHE A 431 -3.21 16.13 -7.33
N ASP A 432 -1.90 15.98 -7.22
CA ASP A 432 -1.08 15.20 -8.18
C ASP A 432 -0.26 14.17 -7.39
N LEU A 433 -0.69 12.91 -7.43
CA LEU A 433 0.01 11.84 -6.69
C LEU A 433 1.46 11.67 -7.19
N ALA A 434 1.71 11.86 -8.50
CA ALA A 434 3.09 11.70 -9.04
C ALA A 434 3.98 12.78 -8.43
N ALA A 435 3.53 14.03 -8.45
CA ALA A 435 4.33 15.15 -7.93
C ALA A 435 4.55 14.86 -6.44
N ILE A 436 3.50 14.42 -5.74
CA ILE A 436 3.59 14.14 -4.29
C ILE A 436 4.66 13.06 -4.10
N ASN A 437 4.65 12.01 -4.93
CA ASN A 437 5.63 10.90 -4.76
C ASN A 437 7.05 11.46 -4.91
N LEU A 438 7.26 12.39 -5.84
CA LEU A 438 8.63 12.91 -6.11
C LEU A 438 9.06 13.82 -4.96
N GLN A 439 8.15 14.69 -4.52
CA GLN A 439 8.41 15.58 -3.36
C GLN A 439 8.71 14.73 -2.11
N ARG A 440 8.03 13.59 -1.98
CA ARG A 440 8.17 12.73 -0.78
C ARG A 440 9.51 11.98 -0.85
N CYS A 441 9.90 11.53 -2.02
CA CYS A 441 11.27 10.97 -2.21
C CYS A 441 12.31 11.95 -1.62
N ARG A 442 12.20 13.24 -1.89
CA ARG A 442 13.19 14.24 -1.42
C ARG A 442 13.00 14.47 0.08
N ASP A 443 11.73 14.57 0.52
CA ASP A 443 11.39 14.74 1.95
C ASP A 443 12.10 13.65 2.77
N HIS A 444 12.09 12.41 2.28
CA HIS A 444 12.65 11.21 2.96
C HIS A 444 14.16 11.07 2.75
N GLY A 445 14.84 11.98 2.07
CA GLY A 445 16.30 11.91 1.90
C GLY A 445 16.73 10.78 0.99
N MET A 446 15.99 10.51 -0.07
CA MET A 446 16.27 9.32 -0.91
C MET A 446 17.57 9.56 -1.68
N PRO A 447 18.50 8.58 -1.68
CA PRO A 447 19.58 8.56 -2.68
C PRO A 447 18.93 8.47 -4.07
N GLY A 448 19.65 8.96 -5.07
CA GLY A 448 19.13 8.99 -6.44
C GLY A 448 19.24 7.66 -7.17
N TYR A 449 18.76 7.67 -8.41
CA TYR A 449 18.56 6.49 -9.25
C TYR A 449 19.87 5.67 -9.33
N ASN A 450 21.01 6.31 -9.57
CA ASN A 450 22.27 5.54 -9.81
C ASN A 450 22.79 4.92 -8.50
N SER A 451 22.54 5.55 -7.36
CA SER A 451 22.90 4.94 -6.04
C SER A 451 22.18 3.61 -5.92
N TRP A 452 20.90 3.57 -6.28
CA TRP A 452 20.10 2.32 -6.19
C TRP A 452 20.50 1.31 -7.26
N ARG A 453 20.80 1.77 -8.49
CA ARG A 453 21.35 0.86 -9.54
C ARG A 453 22.61 0.18 -8.96
N GLY A 454 23.50 0.93 -8.33
CA GLY A 454 24.72 0.33 -7.75
C GLY A 454 24.38 -0.67 -6.65
N PHE A 455 23.48 -0.29 -5.76
CA PHE A 455 22.98 -1.14 -4.66
C PHE A 455 22.55 -2.50 -5.22
N CYS A 456 21.96 -2.49 -6.40
CA CYS A 456 21.35 -3.67 -7.04
C CYS A 456 22.29 -4.32 -8.06
N GLY A 457 23.55 -3.90 -8.11
CA GLY A 457 24.57 -4.48 -8.99
C GLY A 457 24.26 -4.22 -10.45
N LEU A 458 23.65 -3.08 -10.75
CA LEU A 458 23.27 -2.73 -12.14
C LEU A 458 24.12 -1.54 -12.59
N SER A 459 24.23 -1.37 -13.91
CA SER A 459 25.02 -0.29 -14.54
C SER A 459 24.46 1.07 -14.08
N GLN A 460 25.34 2.07 -13.98
CA GLN A 460 25.01 3.45 -13.62
C GLN A 460 25.24 4.36 -14.81
N PRO A 461 24.20 4.61 -15.64
CA PRO A 461 24.38 5.44 -16.84
C PRO A 461 24.73 6.88 -16.47
N LYS A 462 25.71 7.46 -17.15
CA LYS A 462 26.22 8.83 -16.88
C LYS A 462 25.82 9.81 -17.99
N THR A 463 25.43 9.31 -19.14
CA THR A 463 25.20 10.14 -20.35
C THR A 463 23.78 9.86 -20.86
N LEU A 464 23.29 10.76 -21.69
CA LEU A 464 22.03 10.55 -22.44
C LEU A 464 22.05 9.18 -23.10
N LYS A 465 23.11 8.86 -23.85
CA LYS A 465 23.16 7.58 -24.59
C LYS A 465 23.11 6.39 -23.62
N GLY A 466 23.77 6.49 -22.47
CA GLY A 466 23.76 5.40 -21.47
C GLY A 466 22.37 5.22 -20.89
N LEU A 467 21.67 6.31 -20.63
CA LEU A 467 20.28 6.25 -20.08
C LEU A 467 19.34 5.71 -21.16
N GLN A 468 19.54 6.12 -22.42
CA GLN A 468 18.66 5.65 -23.53
C GLN A 468 18.76 4.12 -23.56
N THR A 469 19.97 3.58 -23.42
CA THR A 469 20.20 2.13 -23.48
C THR A 469 19.50 1.44 -22.31
N VAL A 470 19.66 1.95 -21.08
CA VAL A 470 19.05 1.30 -19.88
C VAL A 470 17.52 1.36 -20.00
N LEU A 471 16.97 2.50 -20.41
CA LEU A 471 15.50 2.71 -20.51
CA LEU A 471 15.50 2.69 -20.49
C LEU A 471 14.97 2.08 -21.80
N LYS A 472 15.85 1.73 -22.76
CA LYS A 472 15.40 1.24 -24.10
C LYS A 472 14.39 2.24 -24.69
N ASN A 473 14.65 3.54 -24.53
CA ASN A 473 13.68 4.58 -24.93
C ASN A 473 14.42 5.91 -25.08
N LYS A 474 14.60 6.40 -26.31
CA LYS A 474 15.37 7.64 -26.54
C LYS A 474 14.60 8.85 -26.02
N ILE A 475 13.33 8.97 -26.36
CA ILE A 475 12.55 10.20 -26.02
C ILE A 475 12.41 10.32 -24.52
N LEU A 476 12.09 9.23 -23.81
CA LEU A 476 11.97 9.25 -22.33
C LEU A 476 13.31 9.65 -21.69
N ALA A 477 14.41 9.03 -22.11
CA ALA A 477 15.75 9.39 -21.59
C ALA A 477 16.03 10.88 -21.86
N LYS A 478 15.68 11.37 -23.03
CA LYS A 478 15.93 12.78 -23.38
C LYS A 478 15.15 13.66 -22.42
N LYS A 479 13.88 13.35 -22.18
CA LYS A 479 13.04 14.21 -21.29
C LYS A 479 13.62 14.20 -19.87
N LEU A 480 14.03 13.02 -19.39
CA LEU A 480 14.65 12.93 -18.05
C LEU A 480 15.97 13.69 -17.99
N MET A 481 16.83 13.59 -19.00
CA MET A 481 18.09 14.40 -19.01
C MET A 481 17.78 15.90 -19.08
N ASP A 482 16.79 16.32 -19.86
CA ASP A 482 16.47 17.76 -20.00
C ASP A 482 16.10 18.29 -18.60
N LEU A 483 15.37 17.49 -17.80
CA LEU A 483 14.93 17.95 -16.47
C LEU A 483 15.99 17.73 -15.38
N TYR A 484 16.62 16.57 -15.34
CA TYR A 484 17.49 16.18 -14.22
C TYR A 484 18.97 16.46 -14.52
N LYS A 485 19.36 16.50 -15.82
CA LYS A 485 20.73 16.86 -16.31
C LYS A 485 21.77 15.76 -16.05
N THR A 486 21.61 14.94 -15.01
CA THR A 486 22.46 13.76 -14.79
C THR A 486 21.58 12.65 -14.25
N PRO A 487 21.75 11.39 -14.69
CA PRO A 487 20.96 10.28 -14.13
C PRO A 487 21.19 10.08 -12.62
N ASP A 488 22.29 10.62 -12.06
CA ASP A 488 22.55 10.59 -10.59
C ASP A 488 21.46 11.35 -9.83
N ASN A 489 20.77 12.29 -10.48
CA ASN A 489 19.78 13.16 -9.79
C ASN A 489 18.35 12.66 -9.97
N ILE A 490 18.13 11.68 -10.84
CA ILE A 490 16.74 11.20 -11.09
C ILE A 490 16.20 10.58 -9.79
N ASP A 491 15.01 11.03 -9.39
CA ASP A 491 14.33 10.56 -8.16
C ASP A 491 14.03 9.07 -8.34
N ILE A 492 14.28 8.25 -7.31
CA ILE A 492 14.14 6.78 -7.42
C ILE A 492 12.74 6.38 -7.91
N TRP A 493 11.68 7.04 -7.47
CA TRP A 493 10.31 6.61 -7.91
C TRP A 493 10.20 6.63 -9.44
N ILE A 494 10.62 7.72 -10.06
CA ILE A 494 10.40 7.85 -11.53
CA ILE A 494 10.42 7.87 -11.53
C ILE A 494 11.48 7.04 -12.27
N GLY A 495 12.71 7.03 -11.77
CA GLY A 495 13.78 6.22 -12.41
C GLY A 495 13.48 4.75 -12.39
N GLY A 496 13.11 4.19 -11.23
CA GLY A 496 12.74 2.77 -11.15
C GLY A 496 11.55 2.43 -12.03
N ASN A 497 10.54 3.30 -12.05
CA ASN A 497 9.32 3.02 -12.83
C ASN A 497 9.54 3.28 -14.33
N ALA A 498 10.57 4.01 -14.72
CA ALA A 498 10.88 4.28 -16.15
C ALA A 498 11.46 3.05 -16.84
N GLU A 499 11.98 2.05 -16.07
CA GLU A 499 12.67 0.90 -16.68
C GLU A 499 11.65 -0.05 -17.31
N PRO A 500 11.97 -0.67 -18.46
CA PRO A 500 11.11 -1.68 -19.07
C PRO A 500 10.97 -2.90 -18.17
N MET A 501 9.77 -3.49 -18.16
CA MET A 501 9.41 -4.58 -17.24
C MET A 501 10.16 -5.84 -17.64
N VAL A 502 10.53 -6.64 -16.65
CA VAL A 502 11.21 -7.93 -16.85
C VAL A 502 10.18 -8.89 -17.46
N GLU A 503 10.66 -9.96 -18.10
CA GLU A 503 9.73 -10.96 -18.70
C GLU A 503 8.90 -11.58 -17.57
N ARG A 504 7.62 -11.73 -17.87
CA ARG A 504 6.56 -12.34 -17.02
C ARG A 504 6.31 -11.47 -15.79
N GLY A 505 6.82 -10.23 -15.75
CA GLY A 505 6.66 -9.37 -14.57
C GLY A 505 6.05 -8.03 -14.94
N ARG A 506 5.94 -7.12 -13.97
CA ARG A 506 5.27 -5.82 -14.19
C ARG A 506 6.13 -4.69 -13.60
N VAL A 507 7.39 -4.98 -13.26
CA VAL A 507 8.39 -3.96 -12.88
C VAL A 507 9.69 -4.27 -13.59
N GLY A 508 10.53 -3.25 -13.73
CA GLY A 508 11.87 -3.44 -14.31
C GLY A 508 12.87 -4.03 -13.31
N PRO A 509 14.12 -4.19 -13.75
CA PRO A 509 15.14 -4.85 -12.91
C PRO A 509 15.49 -4.12 -11.60
N LEU A 510 15.61 -2.80 -11.59
CA LEU A 510 15.93 -2.06 -10.33
C LEU A 510 14.82 -2.33 -9.31
N LEU A 511 13.57 -2.14 -9.68
CA LEU A 511 12.43 -2.33 -8.75
CA LEU A 511 12.44 -2.34 -8.75
C LEU A 511 12.29 -3.82 -8.40
N ALA A 512 12.56 -4.72 -9.34
CA ALA A 512 12.48 -6.16 -8.99
C ALA A 512 13.47 -6.43 -7.84
N CYS A 513 14.65 -5.86 -7.93
CA CYS A 513 15.71 -6.07 -6.91
C CYS A 513 15.26 -5.50 -5.55
N LEU A 514 14.85 -4.25 -5.54
CA LEU A 514 14.47 -3.56 -4.26
C LEU A 514 13.25 -4.26 -3.63
N LEU A 515 12.20 -4.48 -4.41
CA LEU A 515 11.00 -5.20 -3.93
C LEU A 515 11.37 -6.62 -3.49
N GLY A 516 12.09 -7.36 -4.32
CA GLY A 516 12.40 -8.77 -4.02
C GLY A 516 13.22 -8.92 -2.75
N ARG A 517 14.21 -8.08 -2.56
CA ARG A 517 15.02 -8.02 -1.31
C ARG A 517 14.11 -7.74 -0.11
N GLN A 518 13.19 -6.80 -0.22
CA GLN A 518 12.35 -6.48 0.93
C GLN A 518 11.43 -7.67 1.24
N PHE A 519 10.74 -8.22 0.24
CA PHE A 519 9.80 -9.34 0.49
C PHE A 519 10.55 -10.59 0.99
N GLN A 520 11.75 -10.85 0.47
CA GLN A 520 12.59 -11.94 1.05
C GLN A 520 12.83 -11.65 2.54
N GLN A 521 13.10 -10.40 2.93
CA GLN A 521 13.41 -10.08 4.34
C GLN A 521 12.17 -10.20 5.23
N ILE A 522 11.02 -9.72 4.78
CA ILE A 522 9.82 -9.80 5.65
C ILE A 522 9.37 -11.26 5.79
N ARG A 523 9.66 -12.15 4.85
CA ARG A 523 9.34 -13.58 4.98
C ARG A 523 10.37 -14.25 5.90
N ASP A 524 11.66 -14.15 5.56
CA ASP A 524 12.72 -14.92 6.24
C ASP A 524 12.88 -14.41 7.66
N GLY A 525 12.61 -13.12 7.92
CA GLY A 525 12.84 -12.53 9.26
C GLY A 525 11.59 -12.53 10.14
N ASP A 526 10.56 -13.32 9.80
CA ASP A 526 9.27 -13.35 10.53
C ASP A 526 9.15 -14.67 11.30
N ARG A 527 9.30 -14.62 12.62
CA ARG A 527 9.19 -15.84 13.46
C ARG A 527 7.81 -16.48 13.34
N PHE A 528 6.80 -15.73 12.89
CA PHE A 528 5.40 -16.18 12.78
C PHE A 528 5.03 -16.40 11.31
N TRP A 529 6.01 -16.44 10.42
CA TRP A 529 5.74 -16.87 9.01
C TRP A 529 4.92 -18.16 9.01
N TRP A 530 3.89 -18.26 8.18
CA TRP A 530 2.94 -19.40 8.20
C TRP A 530 3.67 -20.74 8.01
N GLU A 531 4.75 -20.76 7.21
CA GLU A 531 5.43 -22.06 6.87
C GLU A 531 6.53 -22.37 7.90
N ASN A 532 6.75 -21.51 8.86
CA ASN A 532 7.77 -21.77 9.89
C ASN A 532 7.27 -22.92 10.77
N PRO A 533 8.00 -24.05 10.91
CA PRO A 533 7.54 -25.11 11.81
C PRO A 533 7.10 -24.62 13.20
N GLY A 534 5.94 -25.09 13.66
CA GLY A 534 5.44 -24.75 15.00
C GLY A 534 4.50 -23.57 14.97
N VAL A 535 4.49 -22.77 13.90
CA VAL A 535 3.46 -21.71 13.79
C VAL A 535 2.11 -22.41 13.59
N PHE A 536 2.04 -23.25 12.58
CA PHE A 536 0.87 -24.12 12.29
C PHE A 536 1.35 -25.56 12.41
N THR A 537 0.42 -26.51 12.43
CA THR A 537 0.75 -27.95 12.31
C THR A 537 0.91 -28.36 10.84
N GLU A 538 1.47 -29.53 10.62
CA GLU A 538 1.58 -30.10 9.26
C GLU A 538 0.19 -30.11 8.61
N LYS A 539 -0.84 -30.59 9.30
CA LYS A 539 -2.18 -30.75 8.66
C LYS A 539 -2.78 -29.36 8.40
N GLN A 540 -2.46 -28.38 9.25
CA GLN A 540 -2.97 -26.99 9.07
C GLN A 540 -2.31 -26.38 7.84
N ARG A 541 -1.01 -26.57 7.69
CA ARG A 541 -0.27 -26.07 6.50
C ARG A 541 -0.88 -26.71 5.24
N ASP A 542 -1.20 -28.00 5.26
CA ASP A 542 -1.81 -28.70 4.09
C ASP A 542 -3.14 -28.06 3.76
N SER A 543 -3.96 -27.75 4.78
CA SER A 543 -5.25 -27.06 4.58
CA SER A 543 -5.24 -27.07 4.55
C SER A 543 -4.99 -25.66 3.99
N LEU A 544 -4.01 -24.92 4.52
CA LEU A 544 -3.80 -23.49 4.12
C LEU A 544 -3.36 -23.43 2.65
N GLN A 545 -2.69 -24.46 2.18
CA GLN A 545 -2.22 -24.54 0.78
C GLN A 545 -3.39 -24.30 -0.18
N LYS A 546 -4.63 -24.56 0.22
CA LYS A 546 -5.81 -24.51 -0.70
C LYS A 546 -6.49 -23.13 -0.68
N VAL A 547 -6.03 -22.16 0.13
CA VAL A 547 -6.62 -20.79 0.08
C VAL A 547 -6.53 -20.21 -1.32
N SER A 548 -7.50 -19.37 -1.65
CA SER A 548 -7.57 -18.61 -2.92
C SER A 548 -8.40 -17.35 -2.73
N PHE A 549 -8.10 -16.32 -3.51
CA PHE A 549 -8.93 -15.10 -3.48
C PHE A 549 -10.36 -15.45 -3.96
N SER A 550 -10.49 -16.39 -4.88
CA SER A 550 -11.82 -16.82 -5.41
C SER A 550 -12.68 -17.37 -4.28
N ARG A 551 -12.09 -18.17 -3.38
CA ARG A 551 -12.86 -18.77 -2.26
C ARG A 551 -13.22 -17.64 -1.28
N LEU A 552 -12.30 -16.70 -1.04
CA LEU A 552 -12.59 -15.54 -0.15
C LEU A 552 -13.87 -14.86 -0.65
N ILE A 553 -13.97 -14.68 -1.95
CA ILE A 553 -15.11 -13.96 -2.59
CA ILE A 553 -15.11 -13.96 -2.59
C ILE A 553 -16.37 -14.83 -2.41
N CYS A 554 -16.27 -16.11 -2.78
CA CYS A 554 -17.43 -17.05 -2.68
C CYS A 554 -17.98 -17.07 -1.25
N ASP A 555 -17.09 -17.11 -0.27
CA ASP A 555 -17.43 -17.25 1.17
C ASP A 555 -18.01 -15.97 1.76
N ASN A 556 -17.68 -14.77 1.24
CA ASN A 556 -18.00 -13.47 1.91
C ASN A 556 -18.74 -12.48 1.00
N THR A 557 -19.39 -12.97 -0.04
CA THR A 557 -20.31 -12.21 -0.94
C THR A 557 -21.46 -13.12 -1.34
N HIS A 558 -22.37 -12.62 -2.18
CA HIS A 558 -23.44 -13.45 -2.80
C HIS A 558 -23.09 -13.69 -4.28
N ILE A 559 -21.82 -13.52 -4.64
CA ILE A 559 -21.36 -13.81 -6.03
C ILE A 559 -21.33 -15.33 -6.19
N THR A 560 -21.96 -15.89 -7.24
CA THR A 560 -21.95 -17.37 -7.35
C THR A 560 -21.00 -17.86 -8.43
N LYS A 561 -20.41 -16.98 -9.24
CA LYS A 561 -19.44 -17.40 -10.26
C LYS A 561 -18.16 -16.55 -10.20
N VAL A 562 -17.03 -17.22 -10.18
CA VAL A 562 -15.71 -16.57 -9.98
C VAL A 562 -14.69 -17.28 -10.85
N PRO A 563 -13.59 -16.57 -11.20
CA PRO A 563 -12.49 -17.22 -11.90
C PRO A 563 -11.63 -18.03 -10.93
N LEU A 564 -10.88 -18.99 -11.44
CA LEU A 564 -9.98 -19.79 -10.58
C LEU A 564 -8.70 -19.01 -10.28
N HIS A 565 -8.22 -18.20 -11.23
CA HIS A 565 -6.94 -17.45 -11.13
C HIS A 565 -7.27 -15.98 -11.20
N ALA A 566 -7.63 -15.39 -10.06
CA ALA A 566 -8.35 -14.10 -10.02
C ALA A 566 -7.44 -12.91 -10.41
N PHE A 567 -6.11 -13.05 -10.35
CA PHE A 567 -5.16 -11.97 -10.71
C PHE A 567 -4.97 -11.85 -12.24
N GLN A 568 -5.23 -12.89 -13.01
CA GLN A 568 -5.10 -12.75 -14.48
C GLN A 568 -6.35 -12.08 -15.04
N ALA A 569 -6.28 -11.67 -16.31
CA ALA A 569 -7.44 -11.11 -17.02
C ALA A 569 -8.43 -12.25 -17.16
N ASN A 570 -9.66 -12.07 -16.67
CA ASN A 570 -10.69 -13.12 -16.86
C ASN A 570 -11.91 -12.47 -17.52
N ASN A 571 -12.53 -13.20 -18.43
CA ASN A 571 -13.76 -12.75 -19.13
C ASN A 571 -14.92 -13.69 -18.78
N TYR A 572 -16.07 -13.10 -18.53
CA TYR A 572 -17.35 -13.81 -18.24
C TYR A 572 -18.05 -14.05 -19.57
N PRO A 573 -18.64 -15.24 -19.82
CA PRO A 573 -18.68 -16.34 -18.84
C PRO A 573 -17.55 -17.37 -18.94
N HIS A 574 -16.77 -17.29 -20.00
CA HIS A 574 -15.78 -18.33 -20.38
C HIS A 574 -14.87 -18.69 -19.19
N ASP A 575 -14.35 -17.69 -18.46
CA ASP A 575 -13.28 -17.93 -17.45
C ASP A 575 -13.84 -18.04 -16.04
N PHE A 576 -15.15 -18.04 -15.90
CA PHE A 576 -15.85 -18.01 -14.59
C PHE A 576 -16.49 -19.38 -14.36
N VAL A 577 -16.27 -19.94 -13.18
CA VAL A 577 -16.87 -21.25 -12.76
C VAL A 577 -17.81 -21.05 -11.57
N ASP A 578 -18.59 -22.08 -11.26
CA ASP A 578 -19.46 -22.04 -10.06
C ASP A 578 -18.57 -22.09 -8.83
N CYS A 579 -18.93 -21.33 -7.80
CA CYS A 579 -18.26 -21.30 -6.49
C CYS A 579 -18.12 -22.73 -5.95
N SER A 580 -19.11 -23.61 -6.18
CA SER A 580 -19.07 -25.00 -5.65
C SER A 580 -17.85 -25.77 -6.18
N THR A 581 -17.22 -25.36 -7.29
CA THR A 581 -16.04 -26.07 -7.85
C THR A 581 -14.73 -25.52 -7.25
N VAL A 582 -14.81 -24.47 -6.42
CA VAL A 582 -13.59 -23.78 -5.89
C VAL A 582 -13.17 -24.44 -4.58
N ASP A 583 -11.88 -24.73 -4.40
CA ASP A 583 -11.44 -25.35 -3.13
C ASP A 583 -11.88 -24.50 -1.94
N LYS A 584 -12.18 -25.18 -0.83
CA LYS A 584 -12.53 -24.55 0.46
C LYS A 584 -11.33 -24.70 1.40
N LEU A 585 -11.27 -23.81 2.38
CA LEU A 585 -10.37 -23.97 3.55
C LEU A 585 -11.03 -24.93 4.55
N ASP A 586 -10.39 -26.06 4.75
CA ASP A 586 -10.82 -27.13 5.69
C ASP A 586 -10.29 -26.75 7.06
N LEU A 587 -11.16 -26.38 7.99
CA LEU A 587 -10.74 -25.96 9.34
C LEU A 587 -10.69 -27.14 10.31
N SER A 588 -10.94 -28.36 9.87
CA SER A 588 -10.97 -29.52 10.81
C SER A 588 -9.62 -29.64 11.53
N PRO A 589 -8.44 -29.38 10.91
CA PRO A 589 -7.18 -29.43 11.65
C PRO A 589 -7.00 -28.43 12.79
N TRP A 590 -7.97 -27.53 12.96
CA TRP A 590 -7.95 -26.52 14.06
C TRP A 590 -8.72 -27.06 15.27
N ALA A 591 -9.24 -28.29 15.21
CA ALA A 591 -9.84 -28.99 16.36
C ALA A 591 -8.84 -28.94 17.53
N SER A 592 -9.32 -28.55 18.72
CA SER A 592 -8.45 -28.32 19.89
C SER A 592 -7.48 -29.50 20.04
N ARG A 593 -8.03 -30.72 20.05
CA ARG A 593 -7.37 -32.00 19.66
C ARG A 593 -8.24 -33.24 19.99
N GLU A 594 -7.91 -34.36 19.34
CA GLU A 594 -8.85 -35.48 19.03
C GLU A 594 -8.38 -36.83 19.62
N ASN A 595 -7.15 -37.26 19.33
CA ASN A 595 -6.62 -38.67 19.47
C ASN A 595 -6.23 -39.22 18.09
C1 NAG B . -21.25 -7.55 19.01
C2 NAG B . -22.00 -6.57 18.11
C3 NAG B . -23.47 -6.47 18.49
C4 NAG B . -24.05 -7.85 18.60
C5 NAG B . -23.19 -8.74 19.48
C6 NAG B . -23.80 -10.13 19.43
C7 NAG B . -20.76 -4.69 17.18
C8 NAG B . -20.36 -3.25 17.38
N2 NAG B . -21.52 -5.20 18.14
O3 NAG B . -24.18 -5.67 17.59
O4 NAG B . -25.36 -7.78 19.22
O5 NAG B . -21.81 -8.86 19.05
O6 NAG B . -22.96 -11.01 20.17
O7 NAG B . -20.45 -5.40 16.21
C1 NAG B . -26.53 -7.96 18.53
C2 NAG B . -27.75 -8.02 19.45
C3 NAG B . -28.96 -8.42 18.63
C4 NAG B . -29.14 -7.50 17.42
C5 NAG B . -27.86 -7.34 16.62
C6 NAG B . -28.02 -6.14 15.69
C7 NAG B . -27.34 -8.68 21.74
C8 NAG B . -27.07 -9.82 22.68
N2 NAG B . -27.44 -9.02 20.47
O3 NAG B . -30.13 -8.31 19.47
O4 NAG B . -30.13 -8.05 16.54
O5 NAG B . -26.76 -7.06 17.46
O6 NAG B . -26.77 -5.86 15.00
O7 NAG B . -27.48 -7.52 22.14
C1 BMA B . -31.33 -7.39 16.52
C2 BMA B . -31.81 -6.86 15.17
C3 BMA B . -33.28 -6.52 15.21
C4 BMA B . -34.11 -7.73 15.64
C5 BMA B . -33.58 -8.22 16.98
C6 BMA B . -34.29 -9.49 17.44
O2 BMA B . -31.53 -7.87 14.15
O3 BMA B . -33.72 -5.98 13.95
O4 BMA B . -35.45 -7.25 15.84
O5 BMA B . -32.18 -8.48 16.92
O6 BMA B . -34.19 -9.60 18.88
C1 MAN B . -34.35 -10.82 19.42
C2 MAN B . -34.27 -10.66 20.94
C3 MAN B . -32.91 -10.11 21.32
C4 MAN B . -31.81 -11.00 20.77
C5 MAN B . -31.99 -11.16 19.26
C6 MAN B . -30.94 -12.10 18.68
O2 MAN B . -34.41 -11.94 21.59
O3 MAN B . -32.75 -10.07 22.76
O4 MAN B . -30.56 -10.41 21.19
O5 MAN B . -33.29 -11.72 19.02
O6 MAN B . -30.86 -13.33 19.43
C1 MAN B . -32.46 -8.84 23.22
C2 MAN B . -32.10 -9.06 24.69
C3 MAN B . -33.29 -9.51 25.51
C4 MAN B . -34.41 -8.51 25.36
C5 MAN B . -34.72 -8.30 23.87
C6 MAN B . -35.75 -7.20 23.66
O2 MAN B . -31.68 -7.80 25.23
O3 MAN B . -32.93 -9.66 26.91
O4 MAN B . -35.55 -9.05 26.06
O5 MAN B . -33.54 -7.89 23.13
O6 MAN B . -36.13 -7.31 22.28
C1 MAN B . -34.40 -4.84 13.73
C2 MAN B . -35.32 -4.62 12.55
C3 MAN B . -34.59 -4.97 11.27
C4 MAN B . -33.48 -3.93 11.15
C5 MAN B . -32.62 -3.85 12.42
C6 MAN B . -31.81 -2.58 12.43
O2 MAN B . -35.70 -3.21 12.49
O3 MAN B . -35.50 -5.02 10.17
O4 MAN B . -32.63 -4.26 10.08
O5 MAN B . -33.38 -3.84 13.65
O6 MAN B . -31.24 -2.47 13.74
C1 NAG C . -24.60 12.50 -3.22
C2 NAG C . -24.54 12.59 -4.76
C3 NAG C . -25.93 12.56 -5.34
C4 NAG C . -26.72 11.38 -4.77
C5 NAG C . -26.69 11.33 -3.25
C6 NAG C . -27.37 10.07 -2.75
C7 NAG C . -22.59 13.86 -5.48
C8 NAG C . -21.99 15.20 -5.79
N2 NAG C . -23.89 13.83 -5.21
O3 NAG C . -25.87 12.49 -6.77
O4 NAG C . -28.09 11.46 -5.21
O5 NAG C . -25.32 11.35 -2.80
O6 NAG C . -27.48 10.16 -1.33
O7 NAG C . -21.90 12.87 -5.44
C1 NAG C . -28.86 10.62 -5.93
C2 NAG C . -30.31 11.02 -5.66
C3 NAG C . -31.27 10.15 -6.45
C4 NAG C . -30.79 9.93 -7.88
C5 NAG C . -29.59 10.81 -8.31
C6 NAG C . -30.08 12.16 -8.86
C7 NAG C . -30.77 12.08 -3.49
C8 NAG C . -31.04 11.88 -2.03
N2 NAG C . -30.64 10.97 -4.24
O3 NAG C . -32.51 10.85 -6.45
O4 NAG C . -30.43 8.57 -7.96
O5 NAG C . -28.56 10.99 -7.27
O6 NAG C . -29.02 12.88 -9.53
O7 NAG C . -30.66 13.20 -3.96
CHA HEM D . 1.19 6.21 -0.83
CHB HEM D . -3.04 7.14 -2.98
CHC HEM D . -2.83 2.77 -5.15
CHD HEM D . 1.29 1.82 -2.84
C1A HEM D . 0.07 6.85 -1.28
C2A HEM D . -0.34 8.19 -0.88
C3A HEM D . -1.56 8.45 -1.49
C4A HEM D . -1.88 7.27 -2.24
CMA HEM D . -2.37 9.73 -1.41
CAA HEM D . 0.42 9.13 0.01
CBA HEM D . 1.39 9.98 -0.81
CGA HEM D . 2.30 10.82 0.05
O1A HEM D . 3.54 10.64 -0.05
O2A HEM D . 1.79 11.62 0.88
C1B HEM D . -3.36 5.99 -3.77
C2B HEM D . -4.64 5.82 -4.44
C3B HEM D . -4.59 4.58 -5.04
C4B HEM D . -3.24 4.02 -4.69
CMB HEM D . -5.81 6.78 -4.39
CAB HEM D . -5.55 3.86 -5.93
CBB HEM D . -6.54 4.48 -6.55
C1C HEM D . -1.68 2.12 -4.77
C2C HEM D . -1.22 0.85 -5.22
C3C HEM D . -0.02 0.60 -4.57
C4C HEM D . 0.21 1.72 -3.70
CMC HEM D . -1.92 -0.01 -6.25
CAC HEM D . 0.91 -0.56 -4.65
CBC HEM D . 0.79 -1.61 -5.47
C1D HEM D . 1.56 2.93 -2.07
C2D HEM D . 2.64 2.93 -1.07
C3D HEM D . 2.62 4.17 -0.51
C4D HEM D . 1.53 4.90 -1.19
CMD HEM D . 3.66 1.85 -0.68
CAD HEM D . 3.55 4.67 0.58
CBD HEM D . 2.98 4.22 1.95
CGD HEM D . 3.80 4.74 3.11
O1D HEM D . 3.50 5.85 3.69
O2D HEM D . 4.77 4.06 3.52
NA HEM D . -0.86 6.30 -2.11
NB HEM D . -2.60 4.91 -3.94
NC HEM D . -0.82 2.59 -3.84
ND HEM D . 0.89 4.08 -2.08
FE HEM D . -0.64 4.58 -3.17
C1 NAG E . -1.33 -14.48 -18.03
C2 NAG E . -0.71 -15.44 -19.02
C3 NAG E . -0.62 -16.84 -18.44
C4 NAG E . 0.24 -16.81 -17.19
C5 NAG E . -0.34 -15.75 -16.25
C6 NAG E . 0.58 -15.62 -15.06
C7 NAG E . -1.19 -14.91 -21.34
C8 NAG E . -2.26 -14.97 -22.38
N2 NAG E . -1.56 -15.45 -20.19
O3 NAG E . -0.04 -17.66 -19.47
O4 NAG E . 0.29 -18.08 -16.49
O5 NAG E . -0.48 -14.46 -16.90
O6 NAG E . 0.16 -14.45 -14.35
O7 NAG E . -0.10 -14.38 -21.55
C1 NAG F . 20.60 -15.62 7.68
C2 NAG F . 21.32 -16.37 6.54
C3 NAG F . 22.76 -15.88 6.36
C4 NAG F . 22.71 -14.39 6.11
C5 NAG F . 21.99 -13.69 7.27
C6 NAG F . 21.85 -12.20 7.00
C7 NAG F . 20.70 -18.73 6.07
C8 NAG F . 20.27 -18.34 4.68
N2 NAG F . 21.27 -17.79 6.85
O3 NAG F . 23.34 -16.55 5.24
O4 NAG F . 24.06 -13.83 5.93
O5 NAG F . 20.69 -14.24 7.45
O6 NAG F . 21.08 -12.07 5.79
O7 NAG F . 20.57 -19.89 6.48
I IOD G . 16.68 3.38 2.39
I IOD G . 16.67 3.34 2.43
I IOD G . 16.68 3.36 2.41
I IOD H . -8.03 4.72 17.70
I IOD I . 19.11 -8.62 6.23
I IOD J . -25.80 4.75 6.32
I IOD K . 5.32 22.26 -17.23
I IOD K . 5.30 22.27 -17.19
I IOD K . 5.31 22.27 -17.21
I IOD L . -2.06 2.96 21.73
I IOD M . -19.31 -1.22 -17.23
I IOD N . 3.90 -19.07 0.13
I IOD N . 3.95 -19.07 0.16
I IOD N . 3.92 -19.07 0.14
I IOD O . -12.65 -27.12 22.95
I IOD P . -1.86 10.64 -25.07
I IOD Q . -18.10 16.20 9.08
S SCN R . 7.63 -15.64 30.06
C SCN R . 6.22 -16.38 30.11
N SCN R . 5.00 -16.51 30.24
S SCN S . -22.52 -13.69 -9.60
C SCN S . -22.34 -14.58 -10.83
N SCN S . -22.30 -15.22 -11.82
S SCN T . 25.27 2.41 -18.68
C SCN T . 24.59 1.95 -20.02
N SCN T . 24.01 1.57 -20.99
S SCN U . -21.36 17.92 -2.29
C SCN U . -22.84 17.38 -2.36
N SCN U . -24.03 17.26 -2.37
CA CA V . 1.94 -5.41 8.97
I IOD W . 2.86 23.50 8.46
I IOD X . -26.61 11.36 -13.89
I IOD Y . 2.40 -12.56 -17.94
I IOD Z . 14.50 -17.57 17.85
I IOD AA . -21.37 2.06 13.12
I IOD AA . -21.38 2.09 13.10
I IOD BA . -30.18 -6.91 5.71
I IOD BA . -30.18 -6.91 5.70
I IOD CA . -17.17 7.18 -16.92
I IOD DA . 27.35 5.70 -19.83
I IOD DA . 27.34 5.69 -19.83
I IOD EA . -3.96 -15.89 -9.58
I IOD FA . -12.13 16.65 5.19
I IOD FA . -12.14 16.65 5.19
I IOD GA . -19.36 -20.52 -20.47
I IOD HA . -14.05 -11.48 22.32
I IOD IA . -23.87 -13.83 22.36
I IOD JA . 4.71 -10.58 -20.45
I IOD KA . -19.48 9.00 -7.77
I IOD LA . -6.08 8.69 4.30
I IOD MA . -10.13 6.96 5.28
I IOD MA . -11.91 9.58 8.86
I IOD MA . -10.47 8.74 7.12
I IOD NA . -4.57 -24.75 16.92
I IOD OA . -15.23 15.95 -8.64
I IOD PA . -8.67 4.31 19.89
I IOD PA . -10.27 6.29 20.70
I IOD QA . -8.35 10.39 6.52
S SCN RA . -3.91 20.21 -15.87
C SCN RA . -2.52 19.73 -16.48
N SCN RA . -1.47 19.45 -16.84
C1 EDO SA . 16.56 11.48 -29.13
O1 EDO SA . 17.46 12.07 -28.22
C2 EDO SA . 15.14 11.43 -28.74
O2 EDO SA . 14.49 12.69 -28.61
I IOD TA . -3.49 5.83 0.60
I IOD UA . -3.61 7.07 1.48
I IOD VA . -4.82 8.93 1.86
#